data_7ZLH
#
_entry.id   7ZLH
#
_cell.length_a   1.00
_cell.length_b   1.00
_cell.length_c   1.00
_cell.angle_alpha   90.00
_cell.angle_beta   90.00
_cell.angle_gamma   90.00
#
_symmetry.space_group_name_H-M   'P 1'
#
loop_
_entity.id
_entity.type
_entity.pdbx_description
1 polymer 'CMT2-Fab heavy chain'
2 polymer 'Anti-Fab nanobody'
3 polymer 'CMT2-Fab light chain'
4 polymer 'C-mannosyltransferase dpy-19'
5 water water
#
loop_
_entity_poly.entity_id
_entity_poly.type
_entity_poly.pdbx_seq_one_letter_code
_entity_poly.pdbx_strand_id
1 'polypeptide(L)'
;EISEVQLVESGGGLVQPGGSLRLSCAASGFNISSSSIHWVRQAPGKGLEWVASISSSYGYTSYADSVKGRFTISADTSKN
TAYLQMNSLRAEDTAVYYCARSSSVYWSWWGYSAFDYWGQGTLVTVSSASTKGPSVFPLAPSSKSTSGGTAALGCLVKDY
FPEPVTVSWNSGALTSGVHTFPAVLQSSGLYSLSSVVTVPSSSLGTQTYICNVNHKPSNTKVDKKVEPKSCDKTHT
;
H
2 'polypeptide(L)'
;GSQVQLQESGGGLVQPGGSLRLSCAASGRTISRYAMSWFRQAPGKEREFVAVARRSGDGAFYADSVQGRFTVSRDDAKNT
VYLQMNSLKPEDTAVYYCAIDSDTFYSGSYDYWGQGTQVTVSS
;
K
3 'polypeptide(L)'
;SDIQMTQSPSSLSASVGDRVTITCRASQSVSSAVAWYQQKPGKAPKLLIYSASSLYSGVPSRFSGSRSGTDFTLTISSLQ
PEDFATYYCQQGASEPITFGQGTKVEIKRTVAAPSVFIFPPSDSQLKSGTASVVCLLNNFYPREAKVQWKVDNALQSGNS
QESVTEQDSKDSTYSLSSTLTLSKADYEKHKVYACEVTHQGLSSPVTKSFNRGEC
;
L
4 'polypeptide(L)'
;MAKKPKNSPEKSKYSSDTSSSLYSQTWLASVVIIGLLVGYINYQHVYTLFENDKHFSHLADFEREMAYRTEMGLYYSYYK
TIINAPSFLEGVQEITHDTVTEHGHEINTLNRFNLYPEVILAFLYRPFRAFAKSANWQIELCWQVNRGELRPVESCEGIG
NPHYFYITGVFIVAGTVASSIFYLGVLVSDSIFGGFLSVLCFAFNHGEATRVQWTPPLRESFAFPFIIGHIAILTFVIKY
KKSGHSMILLLTSMAVPALLFWQFTQFAFFTQICSIFLAFSLDLIPFSTAKTVIHSHIISFLIGFLLLFGNEMMITALYF
PSILALGMIIYISPLLSNLKFRPAYVLFLAIIFASITLGLKIGLSKGLGIEDDAHIFDILRSKFTSFANFHTRLYTCSAE
FDFIQYSTIEKLCGTLLIPLALISLVTFVFNFVKNTNLLWRNSEEIGENGEILYNVVQLCCSTVMAFLIMRLKLFMTPHL
CIVAALFANSKLLGGDRISKTIRVSALVGVIAILFYRGIPNIRQQLNVKGEYSNPDQEMLFDWIQHNTKQDAVFAGTMPV
MANVKLTTLRPIVNHPHYEHVGIRERTLKVYSMFSKKPIAEVHKIMKEMGVNYFVFQLMNCSNDERRPECVYRGMWDEED
PKNSGRTALCDLWILAANSKDNSRIAPFKIVYNANRNYIVLKILEDYKDHDGDYKDHDIDYKDDDDK
;
A
#
# COMPACT_ATOMS: atom_id res chain seq x y z
N GLU A 4 -23.85 35.77 5.21
CA GLU A 4 -22.49 35.26 5.20
C GLU A 4 -22.35 34.01 6.05
N VAL A 5 -21.62 33.02 5.52
CA VAL A 5 -21.44 31.75 6.21
C VAL A 5 -20.51 31.94 7.40
N GLN A 6 -20.88 31.36 8.55
CA GLN A 6 -20.04 31.48 9.73
C GLN A 6 -20.36 30.36 10.70
N LEU A 7 -19.42 30.12 11.61
CA LEU A 7 -19.47 29.00 12.55
C LEU A 7 -19.65 29.52 13.97
N VAL A 8 -20.42 28.78 14.76
CA VAL A 8 -20.64 29.09 16.17
C VAL A 8 -20.55 27.80 16.97
N GLU A 9 -19.98 27.89 18.17
CA GLU A 9 -19.77 26.73 19.03
C GLU A 9 -20.38 26.97 20.39
N SER A 10 -20.76 25.87 21.05
CA SER A 10 -21.27 25.95 22.41
C SER A 10 -21.08 24.60 23.10
N GLY A 11 -21.20 24.60 24.42
CA GLY A 11 -21.14 23.39 25.20
C GLY A 11 -19.95 23.26 26.13
N GLY A 12 -19.05 24.24 26.15
CA GLY A 12 -17.89 24.18 27.02
C GLY A 12 -18.21 24.59 28.44
N GLY A 13 -17.18 24.57 29.27
CA GLY A 13 -17.32 25.00 30.65
C GLY A 13 -16.38 24.20 31.55
N LEU A 14 -16.89 23.87 32.73
CA LEU A 14 -16.15 23.14 33.76
C LEU A 14 -16.88 21.86 34.10
N VAL A 15 -16.16 20.74 34.18
CA VAL A 15 -16.73 19.45 34.53
C VAL A 15 -15.75 18.72 35.44
N GLN A 16 -16.13 17.50 35.85
CA GLN A 16 -15.34 16.64 36.71
C GLN A 16 -14.61 15.57 35.90
N PRO A 17 -13.41 15.19 36.29
CA PRO A 17 -12.71 14.11 35.59
C PRO A 17 -13.47 12.80 35.70
N GLY A 18 -13.42 12.01 34.64
CA GLY A 18 -14.16 10.77 34.55
C GLY A 18 -15.61 10.94 34.14
N GLY A 19 -16.04 12.14 33.81
CA GLY A 19 -17.40 12.39 33.38
C GLY A 19 -17.56 12.36 31.87
N SER A 20 -18.53 13.12 31.38
CA SER A 20 -18.78 13.22 29.96
C SER A 20 -19.43 14.56 29.64
N LEU A 21 -19.32 14.98 28.39
CA LEU A 21 -19.93 16.23 27.96
C LEU A 21 -20.14 16.21 26.46
N ARG A 22 -21.21 16.88 26.02
CA ARG A 22 -21.52 17.03 24.60
C ARG A 22 -21.53 18.51 24.24
N LEU A 23 -20.97 18.82 23.07
CA LEU A 23 -20.84 20.19 22.61
C LEU A 23 -21.23 20.27 21.14
N SER A 24 -21.66 21.46 20.72
CA SER A 24 -22.32 21.65 19.44
C SER A 24 -21.60 22.70 18.60
N CYS A 25 -21.60 22.46 17.29
CA CYS A 25 -21.04 23.39 16.30
C CYS A 25 -22.07 23.62 15.20
N ALA A 26 -22.67 24.80 15.18
CA ALA A 26 -23.66 25.16 14.18
C ALA A 26 -23.05 26.11 13.15
N ALA A 27 -23.66 26.15 11.98
CA ALA A 27 -23.19 26.99 10.89
C ALA A 27 -24.35 27.76 10.29
N SER A 28 -24.04 28.94 9.74
CA SER A 28 -25.02 29.75 9.04
C SER A 28 -24.52 30.03 7.64
N GLY A 29 -25.47 30.11 6.71
CA GLY A 29 -25.15 30.30 5.30
C GLY A 29 -25.19 29.00 4.54
N PHE A 30 -24.01 28.43 4.28
CA PHE A 30 -23.91 27.20 3.52
C PHE A 30 -24.53 26.04 4.27
N ASN A 31 -25.23 25.18 3.54
CA ASN A 31 -25.79 23.98 4.14
C ASN A 31 -24.67 22.99 4.43
N ILE A 32 -24.78 22.30 5.57
CA ILE A 32 -23.86 21.24 5.93
C ILE A 32 -24.18 20.02 5.08
N SER A 33 -23.33 19.00 5.14
CA SER A 33 -23.35 17.76 4.37
C SER A 33 -22.78 18.00 2.97
N SER A 34 -22.44 19.24 2.62
CA SER A 34 -21.67 19.53 1.43
C SER A 34 -20.19 19.71 1.74
N SER A 35 -19.79 19.54 3.00
CA SER A 35 -18.42 19.75 3.41
C SER A 35 -18.19 19.01 4.72
N SER A 36 -16.92 18.82 5.06
CA SER A 36 -16.53 18.16 6.29
C SER A 36 -16.27 19.19 7.37
N ILE A 37 -16.43 18.78 8.63
CA ILE A 37 -16.00 19.65 9.72
C ILE A 37 -15.14 18.85 10.69
N HIS A 38 -14.21 19.57 11.32
CA HIS A 38 -13.15 18.98 12.13
C HIS A 38 -13.07 19.70 13.48
N TRP A 39 -12.53 19.00 14.46
CA TRP A 39 -12.30 19.55 15.79
C TRP A 39 -10.81 19.64 16.09
N VAL A 40 -10.37 20.81 16.56
CA VAL A 40 -8.96 21.05 16.85
C VAL A 40 -8.84 21.55 18.28
N ARG A 41 -7.91 20.98 19.05
CA ARG A 41 -7.66 21.42 20.41
C ARG A 41 -6.49 22.40 20.45
N GLN A 42 -6.55 23.31 21.42
CA GLN A 42 -5.44 24.20 21.74
C GLN A 42 -5.31 24.26 23.26
N ALA A 43 -4.14 23.91 23.77
CA ALA A 43 -3.90 23.90 25.20
C ALA A 43 -2.96 25.03 25.59
N PRO A 44 -3.02 25.51 26.85
CA PRO A 44 -2.16 26.63 27.26
C PRO A 44 -0.68 26.37 27.04
N GLY A 45 -0.05 27.18 26.20
CA GLY A 45 1.37 27.06 25.91
C GLY A 45 1.72 25.98 24.91
N LYS A 46 0.74 25.22 24.42
CA LYS A 46 0.97 24.13 23.50
C LYS A 46 0.59 24.55 22.08
N GLY A 47 0.61 23.60 21.16
CA GLY A 47 0.24 23.85 19.78
C GLY A 47 -1.20 23.49 19.48
N LEU A 48 -1.48 23.30 18.20
CA LEU A 48 -2.81 22.93 17.73
C LEU A 48 -2.80 21.46 17.30
N GLU A 49 -3.87 20.74 17.66
CA GLU A 49 -3.92 19.30 17.42
C GLU A 49 -5.29 18.94 16.85
N TRP A 50 -5.32 18.36 15.65
CA TRP A 50 -6.56 17.86 15.10
C TRP A 50 -7.04 16.67 15.91
N VAL A 51 -8.36 16.60 16.12
CA VAL A 51 -8.97 15.62 17.02
C VAL A 51 -9.81 14.61 16.24
N ALA A 52 -10.86 15.08 15.56
CA ALA A 52 -11.78 14.20 14.87
C ALA A 52 -12.40 14.96 13.71
N SER A 53 -12.94 14.19 12.76
CA SER A 53 -13.48 14.75 11.52
C SER A 53 -14.75 14.02 11.15
N ILE A 54 -15.67 14.74 10.51
CA ILE A 54 -16.90 14.12 10.00
C ILE A 54 -17.23 14.70 8.63
N SER A 55 -17.66 13.82 7.73
CA SER A 55 -18.30 14.18 6.47
C SER A 55 -19.73 13.66 6.52
N SER A 56 -20.68 14.57 6.40
CA SER A 56 -22.09 14.24 6.56
C SER A 56 -22.77 13.83 5.26
N SER A 57 -22.07 13.91 4.12
CA SER A 57 -22.69 13.52 2.86
C SER A 57 -23.17 12.07 2.92
N TYR A 58 -22.37 11.18 3.50
CA TYR A 58 -22.78 9.80 3.70
C TYR A 58 -22.36 9.24 5.04
N GLY A 59 -21.79 10.06 5.94
CA GLY A 59 -21.55 9.65 7.30
C GLY A 59 -20.20 9.01 7.56
N TYR A 60 -19.12 9.67 7.15
CA TYR A 60 -17.77 9.16 7.40
C TYR A 60 -17.17 9.91 8.58
N THR A 61 -16.75 9.16 9.59
CA THR A 61 -16.16 9.73 10.79
C THR A 61 -14.74 9.22 10.97
N SER A 62 -13.84 10.10 11.42
CA SER A 62 -12.47 9.71 11.67
C SER A 62 -12.01 10.33 12.97
N TYR A 63 -11.05 9.68 13.62
CA TYR A 63 -10.53 10.12 14.91
C TYR A 63 -9.01 10.03 14.92
N ALA A 64 -8.43 10.72 15.90
CA ALA A 64 -7.01 10.55 16.20
C ALA A 64 -6.85 9.47 17.25
N ASP A 65 -5.78 8.67 17.11
CA ASP A 65 -5.57 7.56 18.03
C ASP A 65 -5.44 8.00 19.47
N SER A 66 -5.05 9.25 19.72
CA SER A 66 -4.96 9.74 21.09
C SER A 66 -6.32 9.86 21.75
N VAL A 67 -7.40 9.90 20.97
CA VAL A 67 -8.75 10.07 21.51
C VAL A 67 -9.68 9.03 20.91
N LYS A 68 -9.14 8.11 20.13
CA LYS A 68 -9.99 7.14 19.44
C LYS A 68 -10.61 6.17 20.44
N GLY A 69 -11.91 5.92 20.28
CA GLY A 69 -12.64 5.00 21.12
C GLY A 69 -13.43 5.65 22.24
N ARG A 70 -13.17 6.92 22.54
CA ARG A 70 -13.89 7.65 23.57
C ARG A 70 -14.76 8.76 23.01
N PHE A 71 -14.19 9.63 22.18
CA PHE A 71 -14.95 10.70 21.55
C PHE A 71 -15.86 10.15 20.46
N THR A 72 -16.92 10.90 20.17
CA THR A 72 -17.91 10.52 19.17
C THR A 72 -18.33 11.77 18.41
N ILE A 73 -18.47 11.63 17.09
CA ILE A 73 -18.88 12.71 16.22
C ILE A 73 -20.18 12.33 15.55
N SER A 74 -21.15 13.24 15.56
CA SER A 74 -22.44 12.99 14.92
C SER A 74 -22.94 14.30 14.35
N ALA A 75 -22.91 14.43 13.03
CA ALA A 75 -23.32 15.66 12.36
C ALA A 75 -24.61 15.39 11.59
N ASP A 76 -25.65 16.17 11.91
CA ASP A 76 -26.93 16.04 11.23
C ASP A 76 -27.22 17.26 10.38
N THR A 77 -27.86 17.04 9.24
CA THR A 77 -27.94 18.04 8.19
C THR A 77 -29.11 19.00 8.34
N SER A 78 -30.24 18.54 8.85
CA SER A 78 -31.43 19.40 8.89
C SER A 78 -31.18 20.65 9.73
N LYS A 79 -30.55 20.50 10.89
CA LYS A 79 -30.25 21.64 11.73
C LYS A 79 -28.93 22.31 11.36
N ASN A 80 -28.23 21.78 10.37
CA ASN A 80 -26.96 22.34 9.89
C ASN A 80 -25.96 22.46 11.03
N THR A 81 -25.93 21.44 11.89
CA THR A 81 -25.15 21.47 13.11
C THR A 81 -24.52 20.09 13.32
N ALA A 82 -23.42 20.05 14.07
CA ALA A 82 -22.78 18.80 14.45
C ALA A 82 -22.57 18.75 15.96
N TYR A 83 -22.44 17.54 16.47
CA TYR A 83 -22.24 17.29 17.89
C TYR A 83 -20.97 16.48 18.10
N LEU A 84 -20.13 16.94 19.04
CA LEU A 84 -19.01 16.17 19.54
C LEU A 84 -19.30 15.79 20.99
N GLN A 85 -19.36 14.49 21.25
CA GLN A 85 -19.67 13.98 22.58
C GLN A 85 -18.46 13.19 23.09
N MET A 86 -17.94 13.57 24.24
CA MET A 86 -16.76 12.95 24.81
C MET A 86 -17.09 12.33 26.16
N ASN A 87 -16.54 11.14 26.40
CA ASN A 87 -16.75 10.39 27.63
C ASN A 87 -15.40 10.05 28.27
N SER A 88 -15.46 9.78 29.58
CA SER A 88 -14.30 9.35 30.37
C SER A 88 -13.16 10.36 30.26
N LEU A 89 -13.44 11.57 30.73
CA LEU A 89 -12.50 12.67 30.58
C LEU A 89 -11.20 12.39 31.32
N ARG A 90 -10.09 12.65 30.64
CA ARG A 90 -8.76 12.44 31.22
C ARG A 90 -8.32 13.72 31.93
N ALA A 91 -7.05 13.76 32.33
CA ALA A 91 -6.50 14.92 33.03
C ALA A 91 -5.83 15.92 32.10
N GLU A 92 -5.80 15.65 30.79
CA GLU A 92 -5.20 16.55 29.82
C GLU A 92 -6.22 17.09 28.82
N ASP A 93 -7.50 16.74 28.95
CA ASP A 93 -8.51 17.21 28.02
C ASP A 93 -8.87 18.68 28.22
N THR A 94 -8.37 19.31 29.28
CA THR A 94 -8.61 20.74 29.51
C THR A 94 -7.93 21.55 28.40
N ALA A 95 -8.74 22.21 27.58
CA ALA A 95 -8.22 22.97 26.45
C ALA A 95 -9.38 23.72 25.81
N VAL A 96 -9.07 24.52 24.79
CA VAL A 96 -10.07 25.24 24.01
C VAL A 96 -10.22 24.55 22.66
N TYR A 97 -11.47 24.27 22.28
CA TYR A 97 -11.80 23.52 21.08
C TYR A 97 -12.29 24.45 19.99
N TYR A 98 -11.84 24.20 18.76
CA TYR A 98 -12.25 24.96 17.60
C TYR A 98 -12.89 24.04 16.57
N CYS A 99 -13.99 24.51 15.99
CA CYS A 99 -14.73 23.77 14.97
C CYS A 99 -14.35 24.33 13.61
N ALA A 100 -13.39 23.69 12.95
CA ALA A 100 -12.96 24.13 11.64
C ALA A 100 -13.74 23.41 10.55
N ARG A 101 -13.66 23.96 9.34
CA ARG A 101 -14.37 23.42 8.19
C ARG A 101 -13.37 23.06 7.08
N SER A 102 -13.56 21.89 6.48
CA SER A 102 -12.75 21.47 5.36
C SER A 102 -13.65 20.86 4.30
N SER A 103 -13.03 20.43 3.20
CA SER A 103 -13.78 19.81 2.11
C SER A 103 -14.26 18.43 2.49
N SER A 104 -15.31 17.98 1.82
CA SER A 104 -15.86 16.66 2.09
C SER A 104 -14.85 15.58 1.72
N VAL A 105 -14.86 14.48 2.48
CA VAL A 105 -13.83 13.47 2.29
C VAL A 105 -14.00 12.74 0.97
N TYR A 106 -15.24 12.60 0.49
CA TYR A 106 -15.48 11.91 -0.78
C TYR A 106 -14.92 12.69 -1.95
N TRP A 107 -14.80 14.01 -1.80
CA TRP A 107 -14.23 14.86 -2.82
C TRP A 107 -12.84 15.37 -2.45
N SER A 108 -12.20 14.74 -1.47
CA SER A 108 -10.89 15.21 -1.01
C SER A 108 -9.91 15.24 -2.16
N TRP A 109 -9.54 14.07 -2.70
CA TRP A 109 -8.96 14.02 -4.04
C TRP A 109 -7.78 14.98 -4.19
N TRP A 110 -6.58 14.60 -3.76
CA TRP A 110 -5.42 15.47 -3.56
C TRP A 110 -5.38 16.04 -2.16
N GLY A 111 -6.26 15.55 -1.28
CA GLY A 111 -6.19 15.87 0.13
C GLY A 111 -7.27 16.83 0.56
N TYR A 112 -7.35 17.01 1.88
CA TYR A 112 -8.30 17.94 2.46
C TYR A 112 -7.95 19.37 2.10
N SER A 113 -8.99 20.19 1.92
CA SER A 113 -8.78 21.61 1.73
C SER A 113 -8.45 22.26 3.07
N ALA A 114 -7.74 23.39 3.00
CA ALA A 114 -7.32 24.09 4.21
C ALA A 114 -8.53 24.54 5.02
N PHE A 115 -8.39 24.51 6.35
CA PHE A 115 -9.42 25.03 7.24
C PHE A 115 -9.52 26.52 7.02
N ASP A 116 -10.55 26.97 6.31
CA ASP A 116 -10.64 28.37 5.95
C ASP A 116 -11.45 29.19 6.95
N TYR A 117 -12.61 28.68 7.35
CA TYR A 117 -13.55 29.42 8.19
C TYR A 117 -13.62 28.72 9.54
N TRP A 118 -12.67 29.06 10.41
CA TRP A 118 -12.57 28.44 11.72
C TRP A 118 -13.70 28.90 12.64
N GLY A 119 -13.92 28.13 13.70
CA GLY A 119 -14.79 28.56 14.76
C GLY A 119 -14.04 29.29 15.86
N GLN A 120 -14.79 30.00 16.71
CA GLN A 120 -14.15 30.79 17.75
C GLN A 120 -13.60 29.90 18.86
N GLY A 121 -14.29 28.82 19.18
CA GLY A 121 -13.78 27.86 20.14
C GLY A 121 -14.39 28.04 21.53
N THR A 122 -14.55 26.92 22.23
CA THR A 122 -15.08 26.89 23.58
C THR A 122 -14.08 26.20 24.50
N LEU A 123 -13.93 26.73 25.71
CA LEU A 123 -12.95 26.20 26.65
C LEU A 123 -13.60 25.18 27.57
N VAL A 124 -12.99 24.00 27.67
CA VAL A 124 -13.46 22.94 28.56
C VAL A 124 -12.36 22.63 29.57
N THR A 125 -12.76 22.45 30.83
CA THR A 125 -11.85 22.20 31.93
C THR A 125 -12.34 21.01 32.74
N VAL A 126 -11.40 20.22 33.24
CA VAL A 126 -11.68 19.13 34.17
C VAL A 126 -10.84 19.35 35.42
N SER A 127 -11.47 19.23 36.59
CA SER A 127 -10.79 19.40 37.86
C SER A 127 -11.47 18.54 38.91
N SER A 128 -10.67 17.77 39.64
CA SER A 128 -11.21 16.93 40.71
C SER A 128 -11.62 17.75 41.92
N ALA A 129 -11.16 18.99 42.04
CA ALA A 129 -11.48 19.84 43.16
C ALA A 129 -12.71 20.69 42.87
N SER A 130 -13.25 21.29 43.93
CA SER A 130 -14.40 22.18 43.83
C SER A 130 -13.94 23.61 43.61
N THR A 131 -14.86 24.56 43.70
CA THR A 131 -14.56 25.97 43.53
C THR A 131 -14.76 26.72 44.84
N LYS A 132 -13.89 27.69 45.09
CA LYS A 132 -13.96 28.52 46.28
C LYS A 132 -13.36 29.89 45.97
N GLY A 133 -13.17 30.70 47.00
CA GLY A 133 -12.65 32.04 46.84
C GLY A 133 -11.15 32.12 47.03
N PRO A 134 -10.57 33.27 46.69
CA PRO A 134 -9.13 33.46 46.88
C PRO A 134 -8.78 34.09 48.21
N SER A 135 -7.60 33.73 48.69
CA SER A 135 -7.01 34.34 49.88
C SER A 135 -6.00 35.38 49.42
N VAL A 136 -6.19 36.63 49.85
CA VAL A 136 -5.38 37.75 49.38
C VAL A 136 -4.36 38.12 50.45
N PHE A 137 -3.11 38.26 50.03
CA PHE A 137 -1.96 38.43 50.90
C PHE A 137 -1.12 39.61 50.44
N PRO A 138 -0.49 40.32 51.38
CA PRO A 138 0.37 41.44 51.01
C PRO A 138 1.79 41.01 50.69
N LEU A 139 2.54 41.94 50.07
CA LEU A 139 3.91 41.67 49.68
C LEU A 139 4.67 42.99 49.66
N ALA A 140 5.60 43.16 50.59
CA ALA A 140 6.37 44.39 50.71
C ALA A 140 7.86 44.11 50.48
N PRO A 141 8.59 45.06 49.90
CA PRO A 141 10.02 44.86 49.66
C PRO A 141 10.82 44.82 50.96
N SER A 142 11.89 44.04 50.93
CA SER A 142 12.80 44.00 52.06
C SER A 142 13.57 45.31 52.17
N SER A 143 13.87 45.72 53.40
CA SER A 143 14.61 46.95 53.62
C SER A 143 16.11 46.78 53.38
N LYS A 144 16.59 45.56 53.19
CA LYS A 144 18.01 45.32 52.97
C LYS A 144 18.46 45.57 51.54
N SER A 145 17.52 45.70 50.59
CA SER A 145 17.87 45.85 49.19
C SER A 145 16.95 46.87 48.54
N THR A 146 17.52 47.68 47.64
CA THR A 146 16.79 48.67 46.85
C THR A 146 15.99 49.61 47.76
N SER A 147 16.63 50.08 48.82
CA SER A 147 16.00 50.99 49.77
C SER A 147 16.24 52.42 49.32
N GLY A 148 15.15 53.12 48.98
CA GLY A 148 15.25 54.51 48.56
C GLY A 148 14.98 54.68 47.08
N GLY A 149 15.36 53.70 46.27
CA GLY A 149 15.15 53.78 44.84
C GLY A 149 14.00 52.95 44.35
N THR A 150 14.29 51.90 43.57
CA THR A 150 13.25 51.04 43.05
C THR A 150 12.60 50.24 44.17
N ALA A 151 11.28 50.12 44.11
CA ALA A 151 10.52 49.36 45.09
C ALA A 151 9.25 48.83 44.43
N ALA A 152 8.93 47.58 44.70
CA ALA A 152 7.78 46.91 44.12
C ALA A 152 6.90 46.36 45.23
N LEU A 153 5.61 46.70 45.20
CA LEU A 153 4.63 46.18 46.14
C LEU A 153 3.72 45.19 45.42
N GLY A 154 3.30 44.15 46.13
CA GLY A 154 2.56 43.08 45.51
C GLY A 154 1.36 42.66 46.33
N CYS A 155 0.33 42.20 45.62
CA CYS A 155 -0.87 41.63 46.21
C CYS A 155 -1.11 40.27 45.58
N LEU A 156 -1.23 39.24 46.40
CA LEU A 156 -1.31 37.86 45.94
C LEU A 156 -2.70 37.31 46.21
N VAL A 157 -3.22 36.52 45.27
CA VAL A 157 -4.46 35.77 45.46
C VAL A 157 -4.14 34.29 45.29
N LYS A 158 -4.43 33.51 46.33
CA LYS A 158 -4.01 32.12 46.42
C LYS A 158 -5.23 31.21 46.61
N ASP A 159 -5.13 29.99 46.08
CA ASP A 159 -6.04 28.90 46.44
C ASP A 159 -7.49 29.25 46.15
N TYR A 160 -7.79 29.45 44.87
CA TYR A 160 -9.12 29.80 44.41
C TYR A 160 -9.48 28.95 43.20
N PHE A 161 -10.67 29.19 42.67
CA PHE A 161 -11.19 28.48 41.50
C PHE A 161 -12.45 29.19 41.02
N PRO A 162 -12.66 29.34 39.71
CA PRO A 162 -11.75 29.00 38.60
C PRO A 162 -10.75 30.11 38.26
N GLU A 163 -10.26 30.06 37.02
CA GLU A 163 -9.24 31.01 36.55
C GLU A 163 -9.60 32.48 36.71
N PRO A 164 -10.80 32.96 36.30
CA PRO A 164 -11.01 34.42 36.24
C PRO A 164 -11.05 35.09 37.61
N VAL A 165 -9.97 35.79 37.95
CA VAL A 165 -9.85 36.58 39.17
C VAL A 165 -9.04 37.83 38.82
N THR A 166 -9.63 39.01 38.98
CA THR A 166 -8.97 40.25 38.59
C THR A 166 -8.72 41.12 39.82
N VAL A 167 -7.49 41.60 39.97
CA VAL A 167 -7.09 42.41 41.11
C VAL A 167 -6.71 43.80 40.61
N SER A 168 -7.13 44.82 41.36
CA SER A 168 -6.85 46.20 41.00
C SER A 168 -6.31 46.94 42.21
N TRP A 169 -5.63 48.05 41.93
CA TRP A 169 -4.97 48.87 42.95
C TRP A 169 -5.69 50.21 43.07
N ASN A 170 -5.99 50.61 44.31
CA ASN A 170 -6.53 51.93 44.67
C ASN A 170 -7.51 52.46 43.63
N SER A 171 -8.51 51.64 43.32
CA SER A 171 -9.57 52.01 42.37
C SER A 171 -9.02 52.34 40.99
N GLY A 172 -7.92 51.68 40.61
CA GLY A 172 -7.33 51.88 39.30
C GLY A 172 -6.45 53.10 39.14
N ALA A 173 -6.23 53.87 40.21
CA ALA A 173 -5.43 55.08 40.09
C ALA A 173 -3.94 54.78 39.92
N LEU A 174 -3.50 53.58 40.27
CA LEU A 174 -2.10 53.20 40.13
C LEU A 174 -1.92 52.41 38.84
N THR A 175 -1.06 52.91 37.96
CA THR A 175 -0.87 52.32 36.63
C THR A 175 0.59 52.11 36.25
N SER A 176 1.53 52.84 36.84
CA SER A 176 2.94 52.75 36.47
C SER A 176 3.52 51.37 36.75
N GLY A 177 3.85 50.63 35.69
CA GLY A 177 4.48 49.34 35.84
C GLY A 177 3.63 48.29 36.52
N VAL A 178 2.32 48.30 36.29
CA VAL A 178 1.42 47.30 36.85
C VAL A 178 1.56 46.01 36.07
N HIS A 179 1.69 44.89 36.78
CA HIS A 179 1.91 43.59 36.18
C HIS A 179 0.84 42.61 36.63
N THR A 180 0.29 41.86 35.69
CA THR A 180 -0.68 40.81 35.97
C THR A 180 -0.06 39.45 35.67
N PHE A 181 -0.14 38.54 36.63
CA PHE A 181 0.46 37.22 36.48
C PHE A 181 -0.60 36.19 36.15
N PRO A 182 -0.44 35.41 35.09
CA PRO A 182 -1.38 34.32 34.83
C PRO A 182 -1.31 33.27 35.93
N ALA A 183 -2.46 32.69 36.25
CA ALA A 183 -2.53 31.68 37.29
C ALA A 183 -1.83 30.39 36.85
N VAL A 184 -1.32 29.66 37.83
CA VAL A 184 -0.60 28.41 37.59
C VAL A 184 -1.33 27.30 38.34
N LEU A 185 -1.62 26.20 37.62
CA LEU A 185 -2.33 25.07 38.19
C LEU A 185 -1.31 24.16 38.88
N GLN A 186 -1.36 24.13 40.22
CA GLN A 186 -0.47 23.28 41.00
C GLN A 186 -1.14 21.93 41.28
N SER A 187 -0.50 21.11 42.11
CA SER A 187 -0.91 19.71 42.24
C SER A 187 -2.31 19.58 42.83
N SER A 188 -2.64 20.39 43.82
CA SER A 188 -3.94 20.24 44.49
C SER A 188 -5.09 20.71 43.62
N GLY A 189 -4.82 21.33 42.48
CA GLY A 189 -5.88 21.74 41.58
C GLY A 189 -6.45 23.12 41.83
N LEU A 190 -5.73 23.99 42.53
CA LEU A 190 -6.18 25.33 42.83
C LEU A 190 -5.21 26.35 42.24
N TYR A 191 -5.75 27.48 41.80
CA TYR A 191 -4.97 28.49 41.10
C TYR A 191 -4.44 29.55 42.07
N SER A 192 -3.40 30.25 41.62
CA SER A 192 -2.72 31.22 42.46
C SER A 192 -1.95 32.18 41.57
N LEU A 193 -2.21 33.48 41.72
CA LEU A 193 -1.49 34.50 40.97
C LEU A 193 -1.21 35.69 41.87
N SER A 194 -0.58 36.72 41.31
CA SER A 194 -0.22 37.92 42.05
C SER A 194 -0.19 39.10 41.09
N SER A 195 -0.11 40.29 41.65
CA SER A 195 0.06 41.51 40.88
C SER A 195 1.00 42.44 41.62
N VAL A 196 2.06 42.89 40.93
CA VAL A 196 3.08 43.72 41.54
C VAL A 196 3.22 45.02 40.76
N VAL A 197 3.63 46.06 41.46
CA VAL A 197 3.80 47.39 40.89
C VAL A 197 5.17 47.93 41.32
N THR A 198 5.92 48.47 40.37
CA THR A 198 7.20 49.13 40.67
C THR A 198 6.86 50.51 41.25
N VAL A 199 6.58 50.52 42.54
CA VAL A 199 6.16 51.75 43.23
C VAL A 199 7.30 52.76 43.20
N PRO A 200 7.04 54.05 42.93
CA PRO A 200 8.14 55.02 42.87
C PRO A 200 8.72 55.37 44.24
N SER A 201 9.60 56.37 44.26
CA SER A 201 10.38 56.71 45.45
C SER A 201 9.55 57.50 46.46
N SER A 202 10.23 58.12 47.43
CA SER A 202 9.61 58.85 48.54
C SER A 202 8.86 57.90 49.46
N SER A 203 9.57 56.89 49.96
CA SER A 203 9.06 55.92 50.93
C SER A 203 7.84 55.17 50.37
N LEU A 204 7.98 54.68 49.14
CA LEU A 204 6.95 53.89 48.47
C LEU A 204 5.64 54.65 48.37
N GLY A 205 5.73 55.96 48.13
CA GLY A 205 4.55 56.78 47.98
C GLY A 205 3.82 57.11 49.26
N THR A 206 4.43 56.81 50.42
CA THR A 206 3.88 57.04 51.76
C THR A 206 2.37 56.80 51.80
N GLN A 207 1.95 55.66 51.26
CA GLN A 207 0.55 55.28 51.21
C GLN A 207 0.40 53.80 51.54
N THR A 208 -0.62 53.49 52.35
CA THR A 208 -0.99 52.11 52.63
C THR A 208 -1.91 51.66 51.50
N TYR A 209 -1.32 51.04 50.48
CA TYR A 209 -2.06 50.75 49.26
C TYR A 209 -3.13 49.69 49.50
N ILE A 210 -4.17 49.74 48.67
CA ILE A 210 -5.29 48.81 48.76
C ILE A 210 -5.41 48.05 47.45
N CYS A 211 -5.61 46.73 47.56
CA CYS A 211 -5.84 45.87 46.41
C CYS A 211 -7.20 45.22 46.54
N ASN A 212 -8.08 45.48 45.57
CA ASN A 212 -9.41 44.89 45.57
C ASN A 212 -9.46 43.75 44.56
N VAL A 213 -10.04 42.63 44.98
CA VAL A 213 -10.04 41.38 44.23
C VAL A 213 -11.47 41.07 43.81
N ASN A 214 -11.67 40.76 42.53
CA ASN A 214 -12.97 40.45 41.97
C ASN A 214 -12.94 39.04 41.42
N HIS A 215 -13.91 38.23 41.83
CA HIS A 215 -14.08 36.86 41.34
C HIS A 215 -15.58 36.58 41.31
N LYS A 216 -16.15 36.60 40.11
CA LYS A 216 -17.60 36.48 39.97
C LYS A 216 -18.19 35.17 40.50
N PRO A 217 -17.62 33.98 40.22
CA PRO A 217 -18.28 32.75 40.68
C PRO A 217 -18.51 32.70 42.19
N SER A 218 -17.58 33.19 42.99
CA SER A 218 -17.75 33.25 44.43
C SER A 218 -18.20 34.62 44.92
N ASN A 219 -18.31 35.60 44.02
CA ASN A 219 -18.72 36.96 44.38
C ASN A 219 -17.83 37.54 45.48
N THR A 220 -16.54 37.28 45.38
CA THR A 220 -15.56 37.75 46.35
C THR A 220 -15.07 39.13 45.94
N LYS A 221 -15.21 40.11 46.84
CA LYS A 221 -14.76 41.48 46.60
C LYS A 221 -13.91 41.95 47.78
N VAL A 222 -12.99 41.10 48.21
CA VAL A 222 -12.15 41.42 49.36
C VAL A 222 -11.10 42.46 48.96
N ASP A 223 -10.80 43.35 49.90
CA ASP A 223 -9.82 44.42 49.70
C ASP A 223 -8.74 44.30 50.76
N LYS A 224 -7.55 43.90 50.33
CA LYS A 224 -6.41 43.77 51.23
C LYS A 224 -5.58 45.05 51.25
N LYS A 225 -4.79 45.20 52.31
CA LYS A 225 -3.97 46.38 52.53
C LYS A 225 -2.51 45.97 52.53
N VAL A 226 -1.69 46.70 51.77
CA VAL A 226 -0.27 46.43 51.66
C VAL A 226 0.49 47.70 52.01
N GLU A 227 1.45 47.58 52.92
CA GLU A 227 2.29 48.69 53.35
C GLU A 227 3.76 48.27 53.31
N PRO A 228 4.67 49.21 53.12
CA PRO A 228 6.10 48.87 53.15
C PRO A 228 6.54 48.41 54.53
N LYS A 229 7.57 47.58 54.55
CA LYS A 229 8.12 47.07 55.80
C LYS A 229 8.79 48.18 56.61
N GLN B 3 38.09 22.87 29.83
CA GLN B 3 38.49 22.27 28.55
C GLN B 3 38.16 23.21 27.39
N VAL B 4 37.90 24.48 27.70
CA VAL B 4 37.63 25.49 26.71
C VAL B 4 38.58 26.67 26.92
N GLN B 5 38.89 27.37 25.84
CA GLN B 5 39.73 28.55 25.91
C GLN B 5 39.58 29.34 24.62
N LEU B 6 39.81 30.65 24.72
CA LEU B 6 39.71 31.54 23.56
C LEU B 6 40.76 32.63 23.69
N GLN B 7 41.09 33.23 22.55
CA GLN B 7 42.09 34.28 22.47
C GLN B 7 41.54 35.44 21.65
N GLU B 8 42.02 36.65 21.96
CA GLU B 8 41.66 37.84 21.21
C GLU B 8 42.91 38.44 20.59
N SER B 9 42.80 38.84 19.33
CA SER B 9 43.89 39.43 18.58
C SER B 9 43.64 40.92 18.42
N GLY B 10 44.52 41.59 17.67
CA GLY B 10 44.38 43.00 17.43
C GLY B 10 44.77 43.84 18.63
N GLY B 11 44.55 45.15 18.50
CA GLY B 11 44.90 46.09 19.54
C GLY B 11 45.48 47.38 18.99
N GLY B 12 46.36 48.01 19.75
CA GLY B 12 46.98 49.25 19.31
C GLY B 12 46.30 50.47 19.89
N LEU B 13 47.07 51.56 20.00
CA LEU B 13 46.56 52.82 20.54
C LEU B 13 45.62 53.44 19.53
N VAL B 14 44.32 53.41 19.83
CA VAL B 14 43.30 53.87 18.90
C VAL B 14 43.17 55.39 18.96
N GLN B 15 42.47 55.97 17.99
CA GLN B 15 42.20 57.40 17.95
C GLN B 15 40.73 57.62 17.66
N PRO B 16 40.11 58.63 18.28
CA PRO B 16 38.69 58.90 18.02
C PRO B 16 38.43 59.20 16.55
N GLY B 17 37.27 58.76 16.08
CA GLY B 17 36.89 58.95 14.69
C GLY B 17 37.39 57.90 13.73
N GLY B 18 38.14 56.91 14.20
CA GLY B 18 38.67 55.86 13.36
C GLY B 18 37.77 54.64 13.29
N SER B 19 38.34 53.55 12.80
CA SER B 19 37.64 52.28 12.65
C SER B 19 38.50 51.16 13.24
N LEU B 20 37.84 50.14 13.81
CA LEU B 20 38.53 49.04 14.45
C LEU B 20 37.99 47.71 13.95
N ARG B 21 38.86 46.69 13.99
CA ARG B 21 38.50 45.32 13.58
C ARG B 21 39.07 44.35 14.61
N LEU B 22 38.27 44.05 15.62
CA LEU B 22 38.64 43.09 16.66
C LEU B 22 38.29 41.67 16.22
N SER B 23 38.97 40.69 16.83
CA SER B 23 38.69 39.30 16.52
C SER B 23 38.94 38.43 17.75
N CYS B 24 38.05 37.46 17.97
CA CYS B 24 38.23 36.46 19.02
C CYS B 24 38.01 35.07 18.43
N ALA B 25 38.90 34.14 18.78
CA ALA B 25 38.84 32.78 18.26
C ALA B 25 39.05 31.78 19.39
N ALA B 26 38.23 30.74 19.39
CA ALA B 26 38.31 29.70 20.41
C ALA B 26 39.19 28.55 19.93
N SER B 27 39.90 27.94 20.88
CA SER B 27 40.80 26.83 20.61
C SER B 27 40.39 25.63 21.45
N GLY B 28 40.25 24.47 20.79
CA GLY B 28 39.89 23.24 21.46
C GLY B 28 38.40 22.94 21.50
N ARG B 29 37.56 23.91 21.17
CA ARG B 29 36.12 23.72 21.20
C ARG B 29 35.48 24.50 20.06
N THR B 30 34.39 23.97 19.52
CA THR B 30 33.73 24.58 18.38
C THR B 30 32.74 25.65 18.83
N ILE B 31 32.06 26.25 17.85
CA ILE B 31 31.08 27.30 18.12
C ILE B 31 29.75 27.06 17.42
N SER B 32 29.62 26.00 16.62
CA SER B 32 28.35 25.72 15.95
C SER B 32 27.25 25.39 16.96
N ARG B 33 27.60 24.66 18.01
CA ARG B 33 26.63 24.28 19.04
C ARG B 33 26.50 25.31 20.15
N TYR B 34 27.59 25.97 20.53
CA TYR B 34 27.56 26.94 21.62
C TYR B 34 27.06 28.30 21.15
N ALA B 35 26.92 29.21 22.10
CA ALA B 35 26.58 30.60 21.84
C ALA B 35 27.81 31.48 22.10
N MET B 36 27.63 32.79 21.98
CA MET B 36 28.75 33.70 22.12
C MET B 36 28.27 35.07 22.57
N SER B 37 29.16 35.81 23.24
CA SER B 37 28.81 37.15 23.70
C SER B 37 30.07 38.00 23.74
N TRP B 38 29.85 39.32 23.79
CA TRP B 38 30.90 40.30 23.97
C TRP B 38 30.57 41.13 25.22
N PHE B 39 31.58 41.39 26.04
CA PHE B 39 31.43 42.13 27.28
C PHE B 39 32.50 43.22 27.36
N ARG B 40 32.23 44.21 28.20
CA ARG B 40 33.17 45.30 28.47
C ARG B 40 33.54 45.33 29.94
N GLN B 41 34.79 45.71 30.22
CA GLN B 41 35.28 45.86 31.59
C GLN B 41 35.99 47.21 31.69
N ALA B 42 35.44 48.11 32.49
CA ALA B 42 36.02 49.43 32.64
C ALA B 42 36.16 49.79 34.10
N PRO B 43 37.19 50.58 34.46
CA PRO B 43 37.32 51.03 35.84
C PRO B 43 36.12 51.86 36.25
N GLY B 44 35.70 51.71 37.51
CA GLY B 44 34.51 52.39 38.01
C GLY B 44 33.22 51.68 37.69
N LYS B 45 33.02 51.30 36.42
CA LYS B 45 31.82 50.56 36.00
C LYS B 45 32.30 49.45 35.06
N GLU B 46 32.60 48.29 35.62
CA GLU B 46 32.97 47.11 34.86
C GLU B 46 31.79 46.15 34.81
N ARG B 47 32.02 44.96 34.25
CA ARG B 47 31.00 43.90 34.18
C ARG B 47 29.74 44.40 33.49
N GLU B 48 29.92 45.06 32.36
CA GLU B 48 28.82 45.66 31.61
C GLU B 48 28.55 44.86 30.34
N PHE B 49 27.28 44.58 30.07
CA PHE B 49 26.90 43.83 28.89
C PHE B 49 27.17 44.64 27.63
N VAL B 50 27.55 43.93 26.56
CA VAL B 50 27.83 44.59 25.29
C VAL B 50 27.00 43.98 24.16
N ALA B 51 27.15 42.67 23.93
CA ALA B 51 26.50 42.04 22.79
C ALA B 51 26.38 40.55 23.02
N VAL B 52 25.50 39.93 22.23
CA VAL B 52 25.31 38.48 22.30
C VAL B 52 24.72 37.99 20.98
N ALA B 53 25.15 36.78 20.57
CA ALA B 53 24.60 36.09 19.41
C ALA B 53 24.71 34.59 19.67
N ARG B 54 23.71 33.83 19.22
CA ARG B 54 23.63 32.44 19.66
C ARG B 54 24.20 31.40 18.68
N ARG B 55 23.59 31.22 17.51
CA ARG B 55 24.12 30.12 16.72
C ARG B 55 24.39 30.46 15.26
N SER B 56 23.51 31.22 14.61
CA SER B 56 23.67 31.51 13.19
C SER B 56 23.34 32.93 12.78
N GLY B 57 22.67 33.71 13.62
CA GLY B 57 22.22 35.03 13.21
C GLY B 57 20.72 35.18 13.29
N ASP B 58 20.08 34.40 14.17
CA ASP B 58 18.66 34.53 14.42
C ASP B 58 18.30 35.80 15.16
N GLY B 59 19.27 36.68 15.38
CA GLY B 59 19.09 37.91 16.11
C GLY B 59 20.26 38.16 17.03
N ALA B 60 20.90 39.32 16.88
CA ALA B 60 22.04 39.70 17.68
C ALA B 60 21.65 40.89 18.56
N PHE B 61 21.91 40.77 19.86
CA PHE B 61 21.47 41.78 20.81
C PHE B 61 22.65 42.64 21.25
N TYR B 62 22.40 43.95 21.36
CA TYR B 62 23.42 44.95 21.63
C TYR B 62 23.06 45.73 22.88
N ALA B 63 24.08 46.32 23.51
CA ALA B 63 23.83 47.15 24.68
C ALA B 63 23.12 48.44 24.26
N ASP B 64 22.50 49.09 25.25
CA ASP B 64 21.61 50.21 24.95
C ASP B 64 22.34 51.37 24.28
N SER B 65 23.53 51.71 24.77
CA SER B 65 24.25 52.89 24.29
C SER B 65 25.07 52.63 23.04
N VAL B 66 25.11 51.39 22.55
CA VAL B 66 25.91 51.04 21.38
C VAL B 66 25.04 50.36 20.34
N GLN B 67 23.75 50.70 20.30
CA GLN B 67 22.79 50.07 19.41
C GLN B 67 23.11 50.46 17.96
N GLY B 68 23.68 49.53 17.20
CA GLY B 68 23.95 49.71 15.80
C GLY B 68 25.38 50.08 15.46
N ARG B 69 26.16 50.54 16.44
CA ARG B 69 27.54 50.95 16.21
C ARG B 69 28.50 49.77 16.16
N PHE B 70 28.06 48.56 16.50
CA PHE B 70 28.91 47.39 16.48
C PHE B 70 28.50 46.48 15.33
N THR B 71 29.47 45.92 14.62
CA THR B 71 29.19 44.93 13.60
C THR B 71 29.83 43.62 14.01
N VAL B 72 29.04 42.54 14.01
CA VAL B 72 29.51 41.21 14.42
C VAL B 72 29.40 40.28 13.22
N SER B 73 30.51 39.64 12.86
CA SER B 73 30.52 38.63 11.81
C SER B 73 31.12 37.35 12.35
N ARG B 74 30.55 36.22 11.92
CA ARG B 74 30.93 34.91 12.44
C ARG B 74 31.52 34.05 11.34
N ASP B 75 32.49 33.20 11.71
CA ASP B 75 33.09 32.23 10.80
C ASP B 75 33.14 30.90 11.54
N ASP B 76 32.14 30.06 11.29
CA ASP B 76 32.10 28.75 11.95
C ASP B 76 33.26 27.87 11.50
N ALA B 77 33.60 27.91 10.22
CA ALA B 77 34.71 27.10 9.71
C ALA B 77 36.02 27.49 10.38
N LYS B 78 36.27 28.78 10.54
CA LYS B 78 37.43 29.26 11.29
C LYS B 78 37.14 29.42 12.78
N ASN B 79 35.88 29.29 13.19
CA ASN B 79 35.48 29.42 14.59
C ASN B 79 35.95 30.76 15.16
N THR B 80 35.70 31.83 14.41
CA THR B 80 36.20 33.16 14.74
C THR B 80 35.07 34.17 14.71
N VAL B 81 35.22 35.23 15.50
CA VAL B 81 34.27 36.34 15.52
C VAL B 81 35.03 37.62 15.23
N TYR B 82 34.54 38.39 14.26
CA TYR B 82 35.08 39.69 13.91
C TYR B 82 34.11 40.79 14.34
N LEU B 83 34.67 41.88 14.86
CA LEU B 83 33.92 43.02 15.36
C LEU B 83 34.40 44.27 14.64
N GLN B 84 33.48 44.93 13.95
CA GLN B 84 33.76 46.13 13.18
C GLN B 84 33.24 47.35 13.92
N MET B 85 34.08 48.38 13.97
CA MET B 85 33.91 49.58 14.77
C MET B 85 34.07 50.80 13.88
N ASN B 86 33.12 51.73 13.96
CA ASN B 86 33.22 53.00 13.26
C ASN B 86 32.69 54.14 14.14
N SER B 87 33.17 55.35 13.86
CA SER B 87 32.76 56.56 14.58
C SER B 87 32.95 56.39 16.09
N LEU B 88 34.18 56.07 16.47
CA LEU B 88 34.49 55.73 17.85
C LEU B 88 34.51 56.98 18.71
N LYS B 89 33.62 57.04 19.70
CA LYS B 89 33.59 58.14 20.66
C LYS B 89 34.64 57.91 21.75
N PRO B 90 35.12 58.97 22.39
CA PRO B 90 36.19 58.83 23.38
C PRO B 90 35.79 58.12 24.66
N GLU B 91 34.56 57.59 24.75
CA GLU B 91 34.10 56.87 25.93
C GLU B 91 34.18 55.36 25.74
N ASP B 92 35.19 54.88 25.03
CA ASP B 92 35.38 53.46 24.77
C ASP B 92 36.69 52.94 25.34
N THR B 93 37.12 53.52 26.47
CA THR B 93 38.38 53.12 27.12
C THR B 93 38.07 52.00 28.10
N ALA B 94 38.30 50.76 27.68
CA ALA B 94 37.96 49.60 28.51
C ALA B 94 38.63 48.36 27.90
N VAL B 95 38.35 47.21 28.50
CA VAL B 95 38.83 45.92 28.00
C VAL B 95 37.65 45.17 27.42
N TYR B 96 37.79 44.73 26.18
CA TYR B 96 36.78 43.94 25.49
C TYR B 96 37.04 42.46 25.74
N TYR B 97 35.98 41.72 26.08
CA TYR B 97 36.06 40.32 26.41
C TYR B 97 35.14 39.52 25.51
N CYS B 98 35.71 38.50 24.84
CA CYS B 98 34.92 37.51 24.11
C CYS B 98 34.52 36.43 25.10
N ALA B 99 33.22 36.33 25.39
CA ALA B 99 32.70 35.49 26.45
C ALA B 99 31.94 34.30 25.88
N ILE B 100 32.16 33.14 26.49
CA ILE B 100 31.51 31.88 26.11
C ILE B 100 30.57 31.47 27.22
N ASP B 101 29.39 30.98 26.84
CA ASP B 101 28.41 30.45 27.78
C ASP B 101 28.22 28.96 27.53
N SER B 102 28.38 28.16 28.59
CA SER B 102 28.34 26.71 28.48
C SER B 102 26.93 26.14 28.51
N ASP B 103 25.91 26.97 28.70
CA ASP B 103 24.53 26.50 28.73
C ASP B 103 23.91 26.63 27.35
N THR B 104 23.33 25.53 26.86
CA THR B 104 22.63 25.57 25.57
C THR B 104 21.30 26.29 25.65
N PHE B 105 20.78 26.53 26.86
CA PHE B 105 19.55 27.29 27.01
C PHE B 105 19.75 28.78 26.73
N TYR B 106 21.00 29.22 26.56
CA TYR B 106 21.33 30.63 26.35
C TYR B 106 20.86 31.47 27.53
N SER B 107 20.99 30.92 28.73
CA SER B 107 20.59 31.59 29.96
C SER B 107 21.74 32.36 30.61
N GLY B 108 22.93 32.37 30.01
CA GLY B 108 24.01 33.20 30.48
C GLY B 108 24.87 32.60 31.57
N SER B 109 25.42 31.40 31.32
CA SER B 109 26.38 30.79 32.24
C SER B 109 27.78 31.02 31.67
N TYR B 110 28.27 32.24 31.86
CA TYR B 110 29.58 32.64 31.35
C TYR B 110 30.64 32.33 32.41
N ASP B 111 31.62 31.51 32.03
CA ASP B 111 32.66 31.05 32.95
C ASP B 111 34.07 31.43 32.52
N TYR B 112 34.33 31.60 31.23
CA TYR B 112 35.66 31.90 30.72
C TYR B 112 35.77 33.38 30.41
N TRP B 113 36.85 34.01 30.86
CA TRP B 113 37.07 35.44 30.67
C TRP B 113 38.28 35.74 29.81
N GLY B 114 39.44 35.20 30.14
CA GLY B 114 40.64 35.48 29.38
C GLY B 114 41.18 36.87 29.66
N GLN B 115 42.12 37.28 28.81
CA GLN B 115 42.72 38.60 28.93
C GLN B 115 41.99 39.65 28.11
N GLY B 116 41.32 39.26 27.02
CA GLY B 116 40.61 40.21 26.21
C GLY B 116 41.56 41.11 25.44
N THR B 117 41.02 42.23 24.97
CA THR B 117 41.81 43.25 24.28
C THR B 117 41.57 44.59 24.94
N GLN B 118 42.64 45.26 25.37
CA GLN B 118 42.51 46.56 26.00
C GLN B 118 42.49 47.66 24.94
N VAL B 119 41.55 48.58 25.05
CA VAL B 119 41.41 49.71 24.14
C VAL B 119 41.40 50.99 24.96
N THR B 120 42.37 51.86 24.72
CA THR B 120 42.46 53.15 25.37
C THR B 120 42.29 54.25 24.32
N VAL B 121 41.37 55.17 24.57
CA VAL B 121 41.05 56.24 23.64
C VAL B 121 41.56 57.54 24.25
N SER B 122 42.66 58.05 23.69
CA SER B 122 43.28 59.29 24.15
C SER B 122 43.60 59.25 25.64
N ASP C 2 0.99 9.36 12.41
CA ASP C 2 2.13 8.69 11.81
C ASP C 2 2.89 9.66 10.90
N ILE C 3 2.28 10.81 10.66
CA ILE C 3 2.86 11.84 9.80
C ILE C 3 3.04 13.10 10.64
N GLN C 4 4.25 13.67 10.61
CA GLN C 4 4.58 14.75 11.52
C GLN C 4 5.50 15.77 10.85
N MET C 5 5.46 16.99 11.39
CA MET C 5 6.28 18.11 10.93
C MET C 5 7.34 18.45 11.96
N THR C 6 8.54 18.79 11.48
CA THR C 6 9.61 19.32 12.32
C THR C 6 9.90 20.75 11.91
N GLN C 7 10.07 21.62 12.91
CA GLN C 7 10.19 23.07 12.68
C GLN C 7 11.31 23.60 13.55
N SER C 8 12.39 24.06 12.91
CA SER C 8 13.59 24.50 13.62
C SER C 8 13.45 25.91 14.19
N PRO C 9 12.99 26.92 13.43
CA PRO C 9 12.84 28.26 14.02
C PRO C 9 11.68 28.33 14.99
N SER C 10 11.85 27.75 16.18
CA SER C 10 10.77 27.73 17.17
C SER C 10 10.40 29.14 17.61
N SER C 11 11.40 29.97 17.87
CA SER C 11 11.19 31.38 18.23
C SER C 11 12.11 32.24 17.39
N LEU C 12 11.52 33.20 16.68
CA LEU C 12 12.28 34.10 15.82
C LEU C 12 11.94 35.53 16.19
N SER C 13 12.97 36.36 16.38
CA SER C 13 12.79 37.76 16.75
C SER C 13 13.44 38.64 15.69
N ALA C 14 12.67 39.58 15.17
CA ALA C 14 13.17 40.52 14.17
C ALA C 14 12.42 41.83 14.29
N SER C 15 13.05 42.88 13.77
CA SER C 15 12.49 44.23 13.83
C SER C 15 11.42 44.41 12.75
N VAL C 16 10.69 45.51 12.87
CA VAL C 16 9.66 45.84 11.90
C VAL C 16 10.33 46.23 10.58
N GLY C 17 9.88 45.61 9.49
CA GLY C 17 10.46 45.83 8.19
C GLY C 17 11.55 44.87 7.79
N ASP C 18 11.97 43.98 8.67
CA ASP C 18 12.99 42.99 8.37
C ASP C 18 12.36 41.72 7.79
N ARG C 19 12.95 41.21 6.71
CA ARG C 19 12.44 40.00 6.07
C ARG C 19 12.61 38.81 7.00
N VAL C 20 11.57 38.00 7.12
CA VAL C 20 11.59 36.81 7.97
C VAL C 20 11.11 35.61 7.17
N THR C 21 11.82 34.49 7.34
CA THR C 21 11.52 33.24 6.64
C THR C 21 11.38 32.12 7.66
N ILE C 22 10.28 31.39 7.59
CA ILE C 22 9.98 30.31 8.52
C ILE C 22 9.82 29.03 7.71
N THR C 23 10.55 27.99 8.11
CA THR C 23 10.59 26.74 7.36
C THR C 23 9.67 25.69 7.98
N CYS C 24 9.41 24.66 7.19
CA CYS C 24 8.53 23.56 7.60
C CYS C 24 8.96 22.31 6.85
N ARG C 25 9.22 21.24 7.59
CA ARG C 25 9.71 20.00 7.02
C ARG C 25 8.80 18.86 7.45
N ALA C 26 8.39 18.04 6.49
CA ALA C 26 7.53 16.89 6.75
C ALA C 26 8.34 15.61 6.61
N SER C 27 8.14 14.70 7.56
CA SER C 27 8.87 13.43 7.55
C SER C 27 8.53 12.61 6.32
N GLN C 28 7.26 12.56 5.95
CA GLN C 28 6.82 11.89 4.72
C GLN C 28 7.00 12.82 3.53
N SER C 29 6.39 12.48 2.41
CA SER C 29 6.56 13.22 1.16
C SER C 29 5.19 13.65 0.61
N VAL C 30 4.38 14.28 1.46
CA VAL C 30 3.20 14.98 0.97
C VAL C 30 3.60 15.88 -0.17
N SER C 31 2.74 15.99 -1.19
CA SER C 31 3.16 16.67 -2.41
C SER C 31 3.05 18.19 -2.26
N SER C 32 1.81 18.70 -2.19
CA SER C 32 1.60 20.13 -1.97
C SER C 32 0.39 20.40 -1.10
N ALA C 33 0.08 19.50 -0.16
CA ALA C 33 -1.15 19.59 0.62
C ALA C 33 -0.90 20.22 1.98
N VAL C 34 0.01 21.19 2.04
CA VAL C 34 0.34 21.89 3.28
C VAL C 34 -0.25 23.29 3.25
N ALA C 35 -0.33 23.90 4.43
CA ALA C 35 -0.93 25.21 4.60
C ALA C 35 -0.30 25.90 5.80
N TRP C 36 -0.40 27.23 5.81
CA TRP C 36 0.13 28.07 6.88
C TRP C 36 -1.02 28.81 7.57
N TYR C 37 -0.90 28.97 8.88
CA TYR C 37 -1.93 29.60 9.68
C TYR C 37 -1.32 30.61 10.65
N GLN C 38 -2.10 31.62 11.00
CA GLN C 38 -1.70 32.63 11.98
C GLN C 38 -2.73 32.70 13.09
N GLN C 39 -2.26 32.68 14.33
CA GLN C 39 -3.13 32.77 15.50
C GLN C 39 -2.61 33.85 16.44
N LYS C 40 -3.52 34.73 16.88
CA LYS C 40 -3.24 35.76 17.87
C LYS C 40 -3.65 35.28 19.27
N PRO C 41 -2.99 35.76 20.31
CA PRO C 41 -3.32 35.30 21.66
C PRO C 41 -4.74 35.66 22.04
N GLY C 42 -5.50 34.66 22.46
CA GLY C 42 -6.89 34.85 22.81
C GLY C 42 -7.85 34.83 21.64
N LYS C 43 -7.37 34.60 20.43
CA LYS C 43 -8.21 34.59 19.24
C LYS C 43 -8.03 33.27 18.49
N ALA C 44 -9.00 32.99 17.59
CA ALA C 44 -9.03 31.80 16.76
C ALA C 44 -8.13 31.98 15.54
N PRO C 45 -7.56 30.89 15.02
CA PRO C 45 -6.66 31.01 13.86
C PRO C 45 -7.41 31.41 12.60
N LYS C 46 -6.67 32.00 11.68
CA LYS C 46 -7.19 32.41 10.38
C LYS C 46 -6.24 31.92 9.29
N LEU C 47 -6.82 31.53 8.16
CA LEU C 47 -6.07 30.89 7.09
C LEU C 47 -5.32 31.93 6.24
N LEU C 48 -4.06 31.64 5.96
CA LEU C 48 -3.19 32.57 5.23
C LEU C 48 -2.82 32.07 3.85
N ILE C 49 -2.19 30.89 3.76
CA ILE C 49 -1.75 30.33 2.48
C ILE C 49 -2.08 28.85 2.45
N TYR C 50 -2.65 28.39 1.35
CA TYR C 50 -2.96 26.99 1.14
C TYR C 50 -2.32 26.52 -0.17
N SER C 51 -2.12 25.21 -0.26
CA SER C 51 -1.41 24.56 -1.36
C SER C 51 0.03 25.04 -1.48
N ALA C 52 0.56 25.61 -0.40
CA ALA C 52 1.97 25.96 -0.22
C ALA C 52 2.40 27.16 -1.07
N SER C 53 1.56 27.60 -2.00
CA SER C 53 1.88 28.79 -2.78
C SER C 53 0.71 29.72 -3.04
N SER C 54 -0.54 29.30 -2.84
CA SER C 54 -1.70 30.10 -3.22
C SER C 54 -2.10 30.99 -2.05
N LEU C 55 -1.90 32.29 -2.22
CA LEU C 55 -2.28 33.26 -1.19
C LEU C 55 -3.80 33.33 -1.06
N TYR C 56 -4.29 33.40 0.16
CA TYR C 56 -5.72 33.46 0.40
C TYR C 56 -6.26 34.86 0.07
N SER C 57 -7.59 34.99 0.17
CA SER C 57 -8.27 36.23 -0.15
C SER C 57 -8.55 37.02 1.13
N GLY C 58 -8.19 38.30 1.12
CA GLY C 58 -8.38 39.15 2.27
C GLY C 58 -7.10 39.32 3.06
N VAL C 59 -6.30 38.26 3.11
CA VAL C 59 -5.00 38.34 3.77
C VAL C 59 -4.08 39.23 2.96
N PRO C 60 -3.26 40.07 3.59
CA PRO C 60 -2.41 40.99 2.82
C PRO C 60 -1.41 40.25 1.95
N SER C 61 -0.92 40.96 0.92
CA SER C 61 -0.04 40.40 -0.10
C SER C 61 1.44 40.43 0.30
N ARG C 62 1.73 40.56 1.59
CA ARG C 62 3.10 40.51 2.10
C ARG C 62 3.47 39.16 2.71
N PHE C 63 2.64 38.14 2.52
CA PHE C 63 2.97 36.77 2.90
C PHE C 63 3.16 35.95 1.64
N SER C 64 4.33 35.33 1.50
CA SER C 64 4.65 34.53 0.32
C SER C 64 4.97 33.10 0.74
N GLY C 65 4.44 32.14 0.00
CA GLY C 65 4.67 30.75 0.30
C GLY C 65 5.42 30.02 -0.80
N SER C 66 6.55 29.42 -0.45
CA SER C 66 7.36 28.66 -1.40
C SER C 66 7.41 27.20 -0.98
N ARG C 67 7.48 26.32 -1.98
CA ARG C 67 7.67 24.90 -1.75
C ARG C 67 8.82 24.38 -2.60
N SER C 68 9.72 23.64 -1.97
CA SER C 68 10.77 22.90 -2.66
C SER C 68 10.74 21.48 -2.11
N GLY C 69 10.20 20.55 -2.89
CA GLY C 69 10.14 19.17 -2.45
C GLY C 69 9.28 19.03 -1.22
N THR C 70 9.86 18.45 -0.17
CA THR C 70 9.16 18.28 1.09
C THR C 70 9.37 19.44 2.05
N ASP C 71 10.10 20.47 1.63
CA ASP C 71 10.33 21.65 2.44
C ASP C 71 9.42 22.78 1.99
N PHE C 72 8.90 23.53 2.95
CA PHE C 72 8.02 24.65 2.67
C PHE C 72 8.48 25.85 3.49
N THR C 73 8.21 27.05 2.96
CA THR C 73 8.72 28.26 3.57
C THR C 73 7.69 29.38 3.47
N LEU C 74 7.47 30.07 4.58
CA LEU C 74 6.61 31.25 4.64
C LEU C 74 7.49 32.46 4.88
N THR C 75 7.36 33.46 4.01
CA THR C 75 8.24 34.62 4.02
C THR C 75 7.43 35.91 4.10
N ILE C 76 7.89 36.82 4.96
CA ILE C 76 7.35 38.17 5.04
C ILE C 76 8.49 39.14 4.73
N SER C 77 8.35 39.89 3.64
CA SER C 77 9.40 40.82 3.23
C SER C 77 9.44 42.04 4.15
N SER C 78 8.27 42.60 4.47
CA SER C 78 8.17 43.80 5.30
C SER C 78 7.34 43.45 6.53
N LEU C 79 8.01 43.05 7.60
CA LEU C 79 7.32 42.79 8.85
C LEU C 79 6.71 44.06 9.40
N GLN C 80 5.48 43.96 9.89
CA GLN C 80 4.70 45.10 10.34
C GLN C 80 4.14 44.84 11.72
N PRO C 81 3.84 45.90 12.49
CA PRO C 81 3.42 45.70 13.89
C PRO C 81 2.17 44.84 14.04
N GLU C 82 1.24 44.89 13.10
CA GLU C 82 0.06 44.05 13.21
C GLU C 82 0.35 42.59 12.87
N ASP C 83 1.50 42.32 12.26
CA ASP C 83 1.91 40.95 11.93
C ASP C 83 2.79 40.37 13.03
N PHE C 84 2.26 40.34 14.25
CA PHE C 84 2.98 39.80 15.40
C PHE C 84 2.05 38.82 16.11
N ALA C 85 2.23 37.55 15.83
CA ALA C 85 1.38 36.47 16.34
C ALA C 85 2.18 35.18 16.27
N THR C 86 1.49 34.05 16.39
CA THR C 86 2.12 32.76 16.22
C THR C 86 1.71 32.15 14.88
N TYR C 87 2.63 31.38 14.29
CA TYR C 87 2.43 30.77 12.99
C TYR C 87 2.46 29.25 13.09
N TYR C 88 1.72 28.60 12.19
CA TYR C 88 1.58 27.14 12.21
C TYR C 88 1.64 26.61 10.79
N CYS C 89 2.12 25.37 10.68
CA CYS C 89 2.26 24.65 9.41
C CYS C 89 1.55 23.30 9.53
N GLN C 90 0.67 23.00 8.56
CA GLN C 90 -0.16 21.80 8.62
C GLN C 90 -0.14 21.08 7.28
N GLN C 91 -0.33 19.76 7.32
CA GLN C 91 -0.56 18.96 6.13
C GLN C 91 -1.98 18.42 6.13
N GLY C 92 -2.48 18.11 4.94
CA GLY C 92 -3.80 17.52 4.81
C GLY C 92 -3.83 16.33 3.87
N ALA C 93 -2.70 15.65 3.72
CA ALA C 93 -2.59 14.52 2.81
C ALA C 93 -2.79 13.17 3.47
N SER C 94 -3.11 13.15 4.77
CA SER C 94 -3.31 11.88 5.47
C SER C 94 -4.41 12.06 6.50
N GLU C 95 -5.01 10.94 6.89
CA GLU C 95 -6.12 11.02 7.84
C GLU C 95 -5.74 11.59 9.18
N PRO C 96 -4.62 11.22 9.81
CA PRO C 96 -4.18 12.01 10.96
C PRO C 96 -3.64 13.33 10.48
N ILE C 97 -4.43 14.39 10.64
CA ILE C 97 -4.01 15.73 10.23
C ILE C 97 -3.15 16.30 11.34
N THR C 98 -1.93 16.68 11.00
CA THR C 98 -0.97 17.11 12.01
C THR C 98 -0.43 18.49 11.67
N PHE C 99 -0.46 19.38 12.66
CA PHE C 99 0.05 20.73 12.52
C PHE C 99 1.55 20.75 12.81
N GLY C 100 2.12 21.93 12.93
CA GLY C 100 3.49 22.10 13.35
C GLY C 100 3.58 22.48 14.82
N GLN C 101 4.82 22.64 15.28
CA GLN C 101 5.04 23.01 16.67
C GLN C 101 4.48 24.41 16.97
N GLY C 102 4.70 25.36 16.08
CA GLY C 102 4.20 26.71 16.27
C GLY C 102 5.31 27.69 16.58
N THR C 103 5.67 28.51 15.59
CA THR C 103 6.71 29.51 15.77
C THR C 103 6.10 30.83 16.21
N LYS C 104 6.93 31.67 16.83
CA LYS C 104 6.51 32.96 17.35
C LYS C 104 7.44 34.04 16.83
N VAL C 105 6.85 35.18 16.45
CA VAL C 105 7.59 36.33 15.95
C VAL C 105 7.51 37.44 16.98
N GLU C 106 8.67 37.97 17.37
CA GLU C 106 8.79 38.98 18.42
C GLU C 106 9.41 40.25 17.86
N ILE C 107 9.53 41.26 18.72
CA ILE C 107 9.97 42.59 18.32
C ILE C 107 11.40 42.79 18.77
N LYS C 108 12.25 43.26 17.86
CA LYS C 108 13.60 43.65 18.22
C LYS C 108 13.56 44.88 19.13
N ARG C 109 14.40 44.86 20.17
CA ARG C 109 14.43 45.96 21.12
C ARG C 109 15.79 45.99 21.80
N THR C 110 16.05 47.09 22.50
CA THR C 110 17.30 47.26 23.23
C THR C 110 17.24 46.45 24.51
N VAL C 111 18.09 45.42 24.62
CA VAL C 111 18.08 44.57 25.79
C VAL C 111 18.62 45.34 26.99
N ALA C 112 17.93 45.22 28.13
CA ALA C 112 18.32 45.88 29.35
C ALA C 112 18.46 44.85 30.47
N ALA C 113 19.24 45.20 31.47
CA ALA C 113 19.49 44.30 32.59
C ALA C 113 18.20 44.11 33.40
N PRO C 114 17.91 42.88 33.84
CA PRO C 114 16.73 42.65 34.67
C PRO C 114 16.87 43.28 36.04
N SER C 115 15.73 43.61 36.64
CA SER C 115 15.66 44.15 37.99
C SER C 115 14.87 43.18 38.86
N VAL C 116 15.49 42.70 39.94
CA VAL C 116 14.90 41.66 40.76
C VAL C 116 14.81 42.12 42.20
N PHE C 117 13.74 41.68 42.88
CA PHE C 117 13.53 41.95 44.29
C PHE C 117 13.09 40.68 45.01
N ILE C 118 13.48 40.57 46.28
CA ILE C 118 13.18 39.44 47.14
C ILE C 118 12.00 39.79 48.02
N PHE C 119 11.16 38.79 48.33
CA PHE C 119 10.03 39.02 49.20
C PHE C 119 9.78 37.82 50.10
N PRO C 120 9.86 37.99 51.42
CA PRO C 120 9.56 36.90 52.34
C PRO C 120 8.05 36.74 52.52
N PRO C 121 7.60 35.65 53.13
CA PRO C 121 6.17 35.51 53.42
C PRO C 121 5.70 36.57 54.39
N SER C 122 4.42 36.95 54.24
CA SER C 122 3.83 38.02 55.03
C SER C 122 3.46 37.49 56.42
N ASP C 123 2.79 38.33 57.22
CA ASP C 123 2.38 37.94 58.56
C ASP C 123 1.23 36.95 58.58
N SER C 124 0.55 36.74 57.46
CA SER C 124 -0.53 35.78 57.37
C SER C 124 -0.05 34.37 57.04
N GLN C 125 1.24 34.19 56.80
CA GLN C 125 1.80 32.90 56.42
C GLN C 125 2.35 32.11 57.59
N LEU C 126 2.34 32.67 58.79
CA LEU C 126 2.86 31.97 59.97
C LEU C 126 1.76 31.25 60.75
N LYS C 127 0.51 31.32 60.30
CA LYS C 127 -0.58 30.60 60.94
C LYS C 127 -1.32 29.66 60.00
N SER C 128 -1.03 29.69 58.70
CA SER C 128 -1.70 28.85 57.73
C SER C 128 -1.00 27.50 57.54
N GLY C 129 0.12 27.27 58.22
CA GLY C 129 0.84 26.02 58.11
C GLY C 129 1.86 25.95 57.00
N THR C 130 1.96 26.97 56.17
CA THR C 130 2.95 27.00 55.08
C THR C 130 3.24 28.45 54.73
N ALA C 131 4.40 28.67 54.12
CA ALA C 131 4.84 30.01 53.78
C ALA C 131 5.68 29.96 52.51
N SER C 132 5.64 31.05 51.75
CA SER C 132 6.27 31.13 50.45
C SER C 132 7.22 32.31 50.39
N VAL C 133 8.43 32.07 49.88
CA VAL C 133 9.40 33.12 49.57
C VAL C 133 9.42 33.31 48.07
N VAL C 134 9.34 34.56 47.61
CA VAL C 134 9.19 34.81 46.19
C VAL C 134 10.23 35.81 45.71
N CYS C 135 10.49 35.75 44.40
CA CYS C 135 11.35 36.69 43.70
C CYS C 135 10.57 37.30 42.55
N LEU C 136 10.54 38.63 42.51
CA LEU C 136 9.85 39.36 41.46
C LEU C 136 10.90 40.03 40.57
N LEU C 137 10.93 39.66 39.30
CA LEU C 137 11.93 40.17 38.37
C LEU C 137 11.22 40.81 37.19
N ASN C 138 11.80 41.90 36.67
CA ASN C 138 11.11 42.71 35.68
C ASN C 138 12.12 43.31 34.71
N ASN C 139 11.60 43.78 33.58
CA ASN C 139 12.29 44.72 32.70
C ASN C 139 13.60 44.12 32.15
N PHE C 140 13.44 43.09 31.32
CA PHE C 140 14.59 42.45 30.71
C PHE C 140 14.25 42.04 29.29
N TYR C 141 15.28 41.65 28.53
CA TYR C 141 15.14 41.08 27.20
C TYR C 141 16.41 40.31 26.92
N PRO C 142 16.35 39.17 26.20
CA PRO C 142 15.18 38.54 25.58
C PRO C 142 14.38 37.63 26.51
N ARG C 143 13.62 36.72 25.89
CA ARG C 143 12.74 35.83 26.63
C ARG C 143 13.52 34.88 27.54
N GLU C 144 14.65 34.35 27.06
CA GLU C 144 15.36 33.28 27.76
C GLU C 144 16.10 33.86 28.96
N ALA C 145 15.77 33.36 30.14
CA ALA C 145 16.45 33.73 31.38
C ALA C 145 16.58 32.47 32.23
N LYS C 146 16.92 32.64 33.51
CA LYS C 146 17.02 31.52 34.43
C LYS C 146 16.93 32.04 35.85
N VAL C 147 16.03 31.46 36.63
CA VAL C 147 15.89 31.77 38.06
C VAL C 147 16.14 30.49 38.85
N GLN C 148 16.84 30.62 39.97
CA GLN C 148 17.20 29.49 40.80
C GLN C 148 16.89 29.79 42.26
N TRP C 149 16.59 28.74 43.02
CA TRP C 149 16.31 28.83 44.43
C TRP C 149 17.23 27.89 45.19
N LYS C 150 17.89 28.40 46.24
CA LYS C 150 18.68 27.54 47.11
C LYS C 150 18.62 28.08 48.53
N VAL C 151 18.71 27.17 49.48
CA VAL C 151 18.72 27.50 50.91
C VAL C 151 19.98 26.87 51.48
N ASP C 152 21.01 27.69 51.72
CA ASP C 152 22.33 27.22 52.15
C ASP C 152 22.88 26.19 51.16
N ASN C 153 22.90 26.57 49.88
CA ASN C 153 23.46 25.75 48.80
C ASN C 153 22.78 24.39 48.72
N ALA C 154 21.44 24.41 48.64
CA ALA C 154 20.64 23.22 48.48
C ALA C 154 19.92 23.29 47.14
N LEU C 155 20.32 22.44 46.20
CA LEU C 155 19.71 22.45 44.87
C LEU C 155 18.25 22.01 44.95
N GLN C 156 17.41 22.59 44.09
CA GLN C 156 15.98 22.36 44.11
C GLN C 156 15.55 21.63 42.85
N SER C 157 14.47 20.85 42.97
CA SER C 157 13.93 20.11 41.82
C SER C 157 12.48 19.75 42.10
N GLY C 158 11.56 20.36 41.35
CA GLY C 158 10.17 19.98 41.37
C GLY C 158 9.26 20.87 42.19
N ASN C 159 9.81 21.73 43.06
CA ASN C 159 9.00 22.57 43.93
C ASN C 159 8.86 24.00 43.46
N SER C 160 9.74 24.47 42.58
CA SER C 160 9.69 25.85 42.13
C SER C 160 8.41 26.13 41.34
N GLN C 161 7.85 27.31 41.54
CA GLN C 161 6.71 27.79 40.77
C GLN C 161 7.13 29.00 39.95
N GLU C 162 6.79 29.03 38.67
CA GLU C 162 7.19 30.10 37.78
C GLU C 162 5.97 30.68 37.07
N SER C 163 5.82 32.00 37.12
CA SER C 163 4.78 32.70 36.39
C SER C 163 5.40 33.79 35.53
N VAL C 164 5.00 33.83 34.26
CA VAL C 164 5.63 34.69 33.27
C VAL C 164 4.55 35.56 32.62
N THR C 165 4.86 36.85 32.48
CA THR C 165 3.94 37.81 31.89
C THR C 165 4.11 37.89 30.38
N GLU C 166 3.06 38.36 29.72
CA GLU C 166 3.11 38.62 28.28
C GLU C 166 4.00 39.84 28.03
N GLN C 167 4.48 39.95 26.79
CA GLN C 167 5.35 41.05 26.42
C GLN C 167 4.66 42.39 26.69
N ASP C 168 5.36 43.28 27.38
CA ASP C 168 4.79 44.55 27.78
C ASP C 168 4.51 45.44 26.57
N SER C 169 3.48 46.28 26.69
CA SER C 169 3.12 47.19 25.63
C SER C 169 3.89 48.51 25.69
N LYS C 170 4.63 48.76 26.77
CA LYS C 170 5.35 50.02 26.92
C LYS C 170 6.78 49.93 26.37
N ASP C 171 7.58 49.02 26.92
CA ASP C 171 8.96 48.84 26.49
C ASP C 171 9.23 47.42 25.98
N SER C 172 8.18 46.65 25.70
CA SER C 172 8.31 45.31 25.11
C SER C 172 9.19 44.40 25.96
N THR C 173 9.01 44.44 27.27
CA THR C 173 9.81 43.64 28.19
C THR C 173 8.91 42.64 28.92
N TYR C 174 9.53 41.89 29.84
CA TYR C 174 8.86 40.79 30.51
C TYR C 174 8.99 40.93 32.03
N SER C 175 8.11 40.20 32.72
CA SER C 175 8.12 40.11 34.18
C SER C 175 7.93 38.66 34.61
N LEU C 176 8.63 38.26 35.66
CA LEU C 176 8.58 36.92 36.21
C LEU C 176 8.31 36.97 37.71
N SER C 177 7.54 35.99 38.18
CA SER C 177 7.37 35.74 39.60
C SER C 177 7.78 34.31 39.88
N SER C 178 8.75 34.12 40.77
CA SER C 178 9.25 32.81 41.15
C SER C 178 8.88 32.55 42.60
N THR C 179 8.37 31.36 42.87
CA THR C 179 7.79 31.03 44.17
C THR C 179 8.43 29.77 44.72
N LEU C 180 8.85 29.81 45.98
CA LEU C 180 9.36 28.66 46.72
C LEU C 180 8.50 28.52 47.97
N THR C 181 7.67 27.48 48.00
CA THR C 181 6.72 27.26 49.09
C THR C 181 7.19 26.11 49.97
N LEU C 182 7.23 26.36 51.28
CA LEU C 182 7.63 25.34 52.25
C LEU C 182 6.63 25.30 53.39
N SER C 183 6.36 24.10 53.90
CA SER C 183 5.41 23.93 54.99
C SER C 183 5.97 24.52 56.29
N LYS C 184 5.13 24.55 57.31
CA LYS C 184 5.54 25.09 58.60
C LYS C 184 6.67 24.26 59.21
N ALA C 185 6.59 22.94 59.09
CA ALA C 185 7.66 22.07 59.59
C ALA C 185 8.94 22.28 58.78
N ASP C 186 8.82 22.69 57.52
CA ASP C 186 9.96 22.98 56.67
C ASP C 186 10.33 24.46 56.66
N TYR C 187 9.66 25.27 57.48
CA TYR C 187 9.84 26.70 57.50
C TYR C 187 10.96 27.15 58.44
N GLU C 188 11.04 26.53 59.62
CA GLU C 188 12.00 26.93 60.65
C GLU C 188 13.36 26.28 60.48
N LYS C 189 13.71 25.86 59.26
CA LYS C 189 15.03 25.34 58.97
C LYS C 189 16.01 26.48 58.78
N HIS C 190 17.18 26.20 58.20
CA HIS C 190 18.24 27.18 57.98
C HIS C 190 17.67 28.53 57.56
N LYS C 191 18.10 29.58 58.25
CA LYS C 191 17.52 30.91 58.10
C LYS C 191 17.98 31.64 56.85
N VAL C 192 19.04 31.17 56.19
CA VAL C 192 19.60 31.85 55.02
C VAL C 192 18.83 31.38 53.78
N TYR C 193 17.96 32.23 53.26
CA TYR C 193 17.20 31.93 52.05
C TYR C 193 17.69 32.81 50.92
N ALA C 194 18.06 32.18 49.80
CA ALA C 194 18.70 32.89 48.70
C ALA C 194 17.96 32.59 47.40
N CYS C 195 18.20 33.44 46.40
CA CYS C 195 17.51 33.40 45.13
C CYS C 195 18.44 33.93 44.05
N GLU C 196 18.78 33.06 43.09
CA GLU C 196 19.79 33.36 42.08
C GLU C 196 19.17 33.41 40.69
N VAL C 197 19.60 34.40 39.91
CA VAL C 197 19.12 34.60 38.55
C VAL C 197 20.31 34.78 37.62
N THR C 198 20.35 34.02 36.54
CA THR C 198 21.36 34.16 35.50
C THR C 198 20.69 34.49 34.19
N HIS C 199 21.20 35.51 33.49
CA HIS C 199 20.65 35.94 32.22
C HIS C 199 21.76 35.99 31.19
N GLN C 200 21.38 35.84 29.92
CA GLN C 200 22.36 35.92 28.84
C GLN C 200 22.98 37.31 28.73
N GLY C 201 22.26 38.33 29.20
CA GLY C 201 22.74 39.69 29.22
C GLY C 201 23.62 40.08 30.39
N LEU C 202 23.95 39.13 31.25
CA LEU C 202 24.86 39.38 32.37
C LEU C 202 25.87 38.25 32.47
N SER C 203 27.02 38.56 33.06
CA SER C 203 28.11 37.60 33.24
C SER C 203 28.08 36.94 34.62
N SER C 204 27.86 37.73 35.68
CA SER C 204 27.80 37.17 37.01
C SER C 204 26.36 37.01 37.46
N PRO C 205 26.05 35.94 38.22
CA PRO C 205 24.68 35.75 38.68
C PRO C 205 24.25 36.84 39.64
N VAL C 206 22.96 37.17 39.60
CA VAL C 206 22.36 38.13 40.51
C VAL C 206 21.72 37.35 41.65
N THR C 207 22.18 37.60 42.87
CA THR C 207 21.74 36.88 44.05
C THR C 207 21.04 37.82 45.01
N LYS C 208 19.81 37.48 45.39
CA LYS C 208 19.08 38.17 46.44
C LYS C 208 18.92 37.19 47.60
N SER C 209 19.50 37.51 48.74
CA SER C 209 19.49 36.61 49.89
C SER C 209 19.08 37.38 51.14
N PHE C 210 18.48 36.65 52.07
CA PHE C 210 18.05 37.23 53.34
C PHE C 210 18.15 36.17 54.43
N ASN C 211 18.07 36.63 55.67
CA ASN C 211 18.17 35.76 56.84
C ASN C 211 16.86 35.81 57.61
N ARG C 212 16.34 34.64 57.95
CA ARG C 212 15.13 34.55 58.75
C ARG C 212 15.38 34.97 60.20
N TYR D 23 25.94 -19.42 4.62
CA TYR D 23 24.57 -19.89 4.74
C TYR D 23 23.71 -19.40 3.59
N SER D 24 24.26 -18.53 2.75
CA SER D 24 23.51 -18.04 1.60
C SER D 24 23.85 -18.80 0.33
N GLN D 25 25.11 -19.18 0.13
CA GLN D 25 25.43 -20.10 -0.97
C GLN D 25 24.84 -21.47 -0.72
N THR D 26 24.93 -21.96 0.53
CA THR D 26 24.43 -23.29 0.86
C THR D 26 22.91 -23.38 0.72
N TRP D 27 22.21 -22.32 1.13
CA TRP D 27 20.75 -22.32 1.04
C TRP D 27 20.28 -22.37 -0.41
N LEU D 28 20.84 -21.50 -1.24
CA LEU D 28 20.36 -21.41 -2.63
C LEU D 28 20.70 -22.67 -3.42
N ALA D 29 21.91 -23.23 -3.21
CA ALA D 29 22.29 -24.43 -3.92
C ALA D 29 21.38 -25.60 -3.54
N SER D 30 21.09 -25.75 -2.24
CA SER D 30 20.19 -26.81 -1.82
C SER D 30 18.79 -26.60 -2.39
N VAL D 31 18.34 -25.34 -2.47
CA VAL D 31 17.05 -25.06 -3.08
C VAL D 31 17.03 -25.55 -4.53
N VAL D 32 18.07 -25.21 -5.29
CA VAL D 32 18.14 -25.60 -6.69
C VAL D 32 18.11 -27.12 -6.83
N ILE D 33 18.94 -27.80 -6.03
CA ILE D 33 19.04 -29.25 -6.12
C ILE D 33 17.72 -29.92 -5.79
N ILE D 34 17.07 -29.49 -4.71
CA ILE D 34 15.82 -30.12 -4.31
C ILE D 34 14.74 -29.89 -5.37
N GLY D 35 14.72 -28.71 -5.99
CA GLY D 35 13.77 -28.48 -7.07
C GLY D 35 13.96 -29.43 -8.23
N LEU D 36 15.23 -29.63 -8.63
CA LEU D 36 15.50 -30.58 -9.71
C LEU D 36 15.06 -31.99 -9.33
N LEU D 37 15.35 -32.42 -8.09
CA LEU D 37 14.96 -33.76 -7.67
C LEU D 37 13.45 -33.94 -7.67
N VAL D 38 12.69 -32.96 -7.18
CA VAL D 38 11.25 -33.16 -7.19
C VAL D 38 10.71 -33.17 -8.61
N GLY D 39 11.34 -32.42 -9.53
CA GLY D 39 10.97 -32.52 -10.93
C GLY D 39 11.16 -33.91 -11.48
N TYR D 40 12.33 -34.51 -11.21
CA TYR D 40 12.58 -35.86 -11.70
C TYR D 40 11.61 -36.88 -11.09
N ILE D 41 11.30 -36.73 -9.81
CA ILE D 41 10.35 -37.65 -9.17
C ILE D 41 8.98 -37.54 -9.81
N ASN D 42 8.53 -36.31 -10.10
CA ASN D 42 7.24 -36.13 -10.75
C ASN D 42 7.23 -36.76 -12.15
N TYR D 43 8.33 -36.60 -12.88
CA TYR D 43 8.44 -37.23 -14.19
C TYR D 43 8.27 -38.74 -14.10
N GLN D 44 9.00 -39.37 -13.17
CA GLN D 44 8.89 -40.82 -13.03
C GLN D 44 7.50 -41.25 -12.61
N HIS D 45 6.86 -40.49 -11.72
CA HIS D 45 5.52 -40.84 -11.26
C HIS D 45 4.51 -40.81 -12.41
N VAL D 46 4.54 -39.76 -13.23
CA VAL D 46 3.58 -39.69 -14.33
C VAL D 46 3.87 -40.77 -15.37
N TYR D 47 5.15 -41.07 -15.60
CA TYR D 47 5.46 -42.11 -16.57
C TYR D 47 4.97 -43.47 -16.09
N THR D 48 5.10 -43.75 -14.79
CA THR D 48 4.57 -44.99 -14.23
C THR D 48 3.06 -45.07 -14.34
N LEU D 49 2.36 -43.97 -14.03
CA LEU D 49 0.90 -43.99 -14.15
C LEU D 49 0.46 -44.19 -15.60
N PHE D 50 1.22 -43.64 -16.56
CA PHE D 50 0.90 -43.87 -17.96
C PHE D 50 1.07 -45.34 -18.33
N GLU D 51 2.20 -45.94 -17.97
CA GLU D 51 2.42 -47.34 -18.29
C GLU D 51 1.41 -48.25 -17.61
N ASN D 52 0.94 -47.86 -16.42
CA ASN D 52 -0.13 -48.64 -15.79
C ASN D 52 -1.46 -48.43 -16.48
N ASP D 53 -1.63 -47.29 -17.16
CA ASP D 53 -2.93 -47.00 -17.76
C ASP D 53 -3.10 -47.65 -19.13
N LYS D 54 -2.12 -47.46 -20.02
CA LYS D 54 -2.30 -47.77 -21.43
C LYS D 54 -1.45 -48.94 -21.92
N HIS D 55 -0.53 -49.45 -21.11
CA HIS D 55 0.21 -50.68 -21.40
C HIS D 55 0.92 -50.64 -22.75
N PHE D 56 1.60 -49.54 -23.06
CA PHE D 56 2.25 -49.49 -24.36
C PHE D 56 3.36 -50.53 -24.49
N SER D 57 3.82 -51.13 -23.40
CA SER D 57 4.95 -52.04 -23.48
C SER D 57 4.62 -53.26 -24.34
N HIS D 58 3.41 -53.79 -24.23
CA HIS D 58 2.99 -54.95 -25.00
C HIS D 58 1.85 -54.60 -25.95
N LEU D 59 1.97 -53.46 -26.62
CA LEU D 59 0.99 -53.01 -27.60
C LEU D 59 1.69 -52.73 -28.93
N ALA D 60 1.02 -53.11 -30.02
CA ALA D 60 1.56 -52.85 -31.35
C ALA D 60 1.45 -51.37 -31.70
N ASP D 61 2.25 -50.96 -32.69
CA ASP D 61 2.25 -49.56 -33.10
C ASP D 61 0.87 -49.08 -33.54
N PHE D 62 0.11 -49.92 -34.23
CA PHE D 62 -1.25 -49.54 -34.60
C PHE D 62 -2.20 -49.60 -33.42
N GLU D 63 -1.93 -50.41 -32.41
CA GLU D 63 -2.76 -50.42 -31.21
C GLU D 63 -2.50 -49.23 -30.31
N ARG D 64 -1.25 -48.76 -30.26
CA ARG D 64 -0.95 -47.53 -29.54
C ARG D 64 -1.68 -46.34 -30.15
N GLU D 65 -1.81 -46.33 -31.49
CA GLU D 65 -2.57 -45.28 -32.14
C GLU D 65 -4.04 -45.32 -31.75
N MET D 66 -4.63 -46.51 -31.68
CA MET D 66 -6.00 -46.61 -31.20
C MET D 66 -6.12 -46.24 -29.73
N ALA D 67 -5.02 -46.33 -28.96
CA ALA D 67 -5.07 -45.92 -27.56
C ALA D 67 -5.30 -44.42 -27.40
N TYR D 68 -5.09 -43.59 -28.43
CA TYR D 68 -5.25 -42.11 -28.37
C TYR D 68 -6.65 -41.73 -28.81
N ARG D 69 -7.61 -41.77 -27.93
CA ARG D 69 -9.02 -41.45 -28.22
C ARG D 69 -9.35 -39.98 -28.51
N THR D 70 -10.33 -39.68 -29.36
CA THR D 70 -10.81 -38.32 -29.77
C THR D 70 -9.73 -37.35 -30.25
N GLU D 71 -9.34 -36.32 -29.52
CA GLU D 71 -8.56 -35.20 -30.15
C GLU D 71 -7.07 -35.49 -30.15
N MET D 72 -6.60 -36.41 -29.31
CA MET D 72 -5.19 -36.87 -29.26
C MET D 72 -4.77 -37.58 -30.54
N GLY D 73 -5.64 -38.38 -31.12
CA GLY D 73 -5.39 -39.04 -32.42
C GLY D 73 -5.21 -38.03 -33.51
N LEU D 74 -6.01 -36.96 -33.56
CA LEU D 74 -5.73 -35.89 -34.53
C LEU D 74 -4.37 -35.23 -34.28
N TYR D 75 -3.99 -34.93 -33.05
CA TYR D 75 -2.69 -34.24 -32.84
C TYR D 75 -1.56 -35.18 -33.21
N TYR D 76 -1.64 -36.47 -32.86
CA TYR D 76 -0.50 -37.34 -33.16
C TYR D 76 -0.36 -37.63 -34.66
N SER D 77 -1.46 -37.54 -35.41
CA SER D 77 -1.42 -37.88 -36.83
C SER D 77 -0.51 -36.95 -37.61
N TYR D 78 -0.42 -35.68 -37.22
CA TYR D 78 0.45 -34.75 -37.95
C TYR D 78 1.92 -34.95 -37.61
N TYR D 79 2.23 -35.34 -36.38
CA TYR D 79 3.59 -35.75 -36.05
C TYR D 79 3.98 -36.97 -36.87
N LYS D 80 3.06 -37.93 -37.01
CA LYS D 80 3.33 -39.08 -37.87
C LYS D 80 3.51 -38.66 -39.32
N THR D 81 2.72 -37.69 -39.78
CA THR D 81 2.86 -37.20 -41.14
C THR D 81 4.25 -36.62 -41.39
N ILE D 82 4.73 -35.79 -40.46
CA ILE D 82 6.01 -35.13 -40.67
C ILE D 82 7.16 -36.14 -40.58
N ILE D 83 7.10 -37.07 -39.64
CA ILE D 83 8.22 -37.99 -39.48
C ILE D 83 8.34 -38.96 -40.66
N ASN D 84 7.27 -39.17 -41.42
CA ASN D 84 7.29 -40.06 -42.57
C ASN D 84 7.55 -39.35 -43.89
N ALA D 85 7.64 -38.01 -43.88
CA ALA D 85 7.85 -37.27 -45.11
C ALA D 85 9.27 -37.46 -45.63
N PRO D 86 9.49 -37.26 -46.93
CA PRO D 86 10.86 -37.37 -47.46
C PRO D 86 11.84 -36.40 -46.82
N SER D 87 11.42 -35.19 -46.49
CA SER D 87 12.25 -34.25 -45.75
C SER D 87 11.34 -33.41 -44.87
N PHE D 88 11.94 -32.72 -43.89
CA PHE D 88 11.15 -31.97 -42.93
C PHE D 88 10.37 -30.84 -43.60
N LEU D 89 11.00 -30.15 -44.55
CA LEU D 89 10.31 -29.06 -45.23
C LEU D 89 9.11 -29.56 -46.01
N GLU D 90 9.23 -30.72 -46.65
CA GLU D 90 8.10 -31.28 -47.37
C GLU D 90 6.96 -31.66 -46.42
N GLY D 91 7.30 -32.19 -45.23
CA GLY D 91 6.27 -32.51 -44.27
C GLY D 91 5.55 -31.29 -43.73
N VAL D 92 6.31 -30.23 -43.42
CA VAL D 92 5.66 -29.02 -42.92
C VAL D 92 4.85 -28.36 -44.04
N GLN D 93 5.29 -28.49 -45.29
CA GLN D 93 4.47 -28.05 -46.42
C GLN D 93 3.18 -28.85 -46.51
N GLU D 94 3.26 -30.15 -46.25
CA GLU D 94 2.05 -30.98 -46.24
C GLU D 94 1.08 -30.50 -45.17
N ILE D 95 1.57 -30.18 -43.97
CA ILE D 95 0.64 -29.79 -42.91
C ILE D 95 0.19 -28.34 -43.00
N THR D 96 0.92 -27.47 -43.71
CA THR D 96 0.44 -26.09 -43.89
C THR D 96 -0.55 -25.96 -45.04
N HIS D 97 -0.53 -26.87 -46.01
CA HIS D 97 -1.49 -26.85 -47.11
C HIS D 97 -2.30 -28.13 -47.09
N ASP D 98 -2.75 -28.53 -45.91
CA ASP D 98 -3.49 -29.77 -45.74
C ASP D 98 -4.84 -29.70 -46.44
N THR D 99 -5.18 -30.76 -47.19
CA THR D 99 -6.45 -30.85 -47.89
C THR D 99 -7.23 -32.10 -47.53
N VAL D 100 -6.86 -32.79 -46.45
CA VAL D 100 -7.43 -34.07 -46.09
C VAL D 100 -8.27 -33.98 -44.82
N THR D 101 -7.85 -33.15 -43.87
CA THR D 101 -8.55 -33.05 -42.60
C THR D 101 -9.98 -32.56 -42.77
N GLU D 102 -10.18 -31.58 -43.65
CA GLU D 102 -11.51 -31.12 -44.01
C GLU D 102 -11.61 -31.17 -45.53
N HIS D 103 -12.34 -32.16 -46.04
CA HIS D 103 -12.44 -32.36 -47.48
C HIS D 103 -13.40 -31.32 -48.06
N GLY D 104 -12.90 -30.51 -48.98
CA GLY D 104 -13.68 -29.44 -49.55
C GLY D 104 -12.92 -28.14 -49.69
N HIS D 105 -12.00 -27.87 -48.77
CA HIS D 105 -11.13 -26.70 -48.88
C HIS D 105 -9.77 -27.04 -48.28
N GLU D 106 -8.88 -26.05 -48.31
CA GLU D 106 -7.47 -26.24 -47.94
C GLU D 106 -7.17 -25.42 -46.69
N ILE D 107 -7.01 -26.11 -45.57
CA ILE D 107 -6.75 -25.46 -44.29
C ILE D 107 -5.26 -25.52 -43.99
N ASN D 108 -4.79 -24.52 -43.24
CA ASN D 108 -3.45 -24.52 -42.68
C ASN D 108 -3.55 -24.98 -41.23
N THR D 109 -3.27 -26.26 -40.99
CA THR D 109 -3.46 -26.85 -39.68
C THR D 109 -2.41 -26.40 -38.65
N LEU D 110 -1.30 -25.81 -39.09
CA LEU D 110 -0.24 -25.44 -38.15
C LEU D 110 -0.72 -24.37 -37.17
N ASN D 111 -1.31 -23.29 -37.67
CA ASN D 111 -1.84 -22.23 -36.82
C ASN D 111 -3.28 -22.47 -36.41
N ARG D 112 -3.85 -23.62 -36.78
CA ARG D 112 -5.27 -23.85 -36.72
C ARG D 112 -5.64 -24.82 -35.61
N PHE D 113 -4.78 -25.80 -35.36
CA PHE D 113 -4.87 -26.71 -34.23
C PHE D 113 -3.77 -26.51 -33.21
N ASN D 114 -2.86 -25.56 -33.43
CA ASN D 114 -1.68 -25.33 -32.60
C ASN D 114 -0.77 -26.57 -32.58
N LEU D 115 -0.21 -26.88 -33.74
CA LEU D 115 0.61 -28.07 -33.93
C LEU D 115 2.10 -27.78 -33.84
N TYR D 116 2.50 -26.73 -33.14
CA TYR D 116 3.92 -26.45 -32.96
C TYR D 116 4.66 -27.52 -32.15
N PRO D 117 4.10 -28.10 -31.06
CA PRO D 117 4.83 -29.19 -30.41
C PRO D 117 5.15 -30.34 -31.34
N GLU D 118 4.23 -30.70 -32.23
CA GLU D 118 4.48 -31.77 -33.19
C GLU D 118 5.61 -31.41 -34.13
N VAL D 119 5.63 -30.16 -34.60
CA VAL D 119 6.70 -29.72 -35.50
C VAL D 119 8.05 -29.79 -34.82
N ILE D 120 8.13 -29.31 -33.58
CA ILE D 120 9.41 -29.32 -32.86
C ILE D 120 9.88 -30.75 -32.61
N LEU D 121 8.96 -31.60 -32.15
CA LEU D 121 9.33 -32.98 -31.85
C LEU D 121 9.74 -33.74 -33.09
N ALA D 122 9.03 -33.54 -34.21
CA ALA D 122 9.41 -34.21 -35.45
C ALA D 122 10.76 -33.72 -35.96
N PHE D 123 10.99 -32.40 -35.89
CA PHE D 123 12.28 -31.86 -36.32
C PHE D 123 13.42 -32.42 -35.48
N LEU D 124 13.17 -32.67 -34.20
CA LEU D 124 14.21 -33.30 -33.39
C LEU D 124 14.35 -34.79 -33.65
N TYR D 125 13.23 -35.46 -33.98
CA TYR D 125 13.25 -36.91 -34.11
C TYR D 125 13.94 -37.36 -35.39
N ARG D 126 13.73 -36.66 -36.50
CA ARG D 126 14.27 -37.14 -37.76
C ARG D 126 15.80 -37.25 -37.76
N PRO D 127 16.57 -36.22 -37.41
CA PRO D 127 18.03 -36.40 -37.37
C PRO D 127 18.48 -37.37 -36.30
N PHE D 128 17.71 -37.51 -35.22
CA PHE D 128 18.05 -38.46 -34.17
C PHE D 128 18.14 -39.88 -34.73
N ARG D 129 17.07 -40.33 -35.39
CA ARG D 129 17.06 -41.66 -35.97
C ARG D 129 18.08 -41.76 -37.11
N ALA D 130 18.18 -40.70 -37.92
CA ALA D 130 19.11 -40.72 -39.04
C ALA D 130 20.55 -40.92 -38.56
N PHE D 131 20.93 -40.26 -37.47
CA PHE D 131 22.25 -40.43 -36.90
C PHE D 131 22.39 -41.74 -36.15
N ALA D 132 21.28 -42.28 -35.63
CA ALA D 132 21.32 -43.57 -34.98
C ALA D 132 21.71 -44.67 -35.97
N LYS D 133 21.17 -44.62 -37.19
CA LYS D 133 21.56 -45.62 -38.18
C LYS D 133 23.05 -45.57 -38.46
N SER D 134 23.63 -44.37 -38.56
CA SER D 134 25.06 -44.24 -38.82
C SER D 134 25.88 -44.81 -37.67
N ALA D 135 25.49 -44.55 -36.43
CA ALA D 135 26.26 -45.00 -35.28
C ALA D 135 25.99 -46.46 -34.92
N ASN D 136 25.05 -47.11 -35.61
CA ASN D 136 24.70 -48.51 -35.37
C ASN D 136 24.17 -48.73 -33.97
N TRP D 137 23.75 -47.68 -33.28
CA TRP D 137 23.18 -47.84 -31.95
C TRP D 137 21.81 -48.50 -32.04
N GLN D 138 21.57 -49.45 -31.15
CA GLN D 138 20.30 -50.16 -31.09
C GLN D 138 19.38 -49.45 -30.09
N ILE D 139 19.03 -48.22 -30.45
CA ILE D 139 18.19 -47.40 -29.58
C ILE D 139 16.76 -47.93 -29.53
N GLU D 140 16.41 -48.88 -30.39
CA GLU D 140 15.06 -49.43 -30.44
C GLU D 140 15.13 -50.94 -30.36
N LEU D 141 14.49 -51.51 -29.35
CA LEU D 141 14.54 -52.94 -29.04
C LEU D 141 13.14 -53.51 -29.04
N CYS D 142 12.94 -54.63 -29.74
CA CYS D 142 11.61 -55.23 -29.79
C CYS D 142 11.60 -56.58 -30.48
N TRP D 143 10.46 -57.25 -30.34
CA TRP D 143 10.34 -58.69 -30.46
C TRP D 143 8.88 -59.06 -30.69
N GLN D 144 8.67 -60.30 -31.15
CA GLN D 144 7.34 -60.75 -31.54
C GLN D 144 6.47 -61.00 -30.30
N VAL D 145 5.23 -60.51 -30.35
CA VAL D 145 4.27 -60.69 -29.27
C VAL D 145 2.99 -61.28 -29.85
N ASN D 146 2.39 -62.21 -29.12
CA ASN D 146 1.21 -62.95 -29.57
C ASN D 146 0.02 -62.61 -28.68
N ARG D 147 -1.12 -62.32 -29.31
CA ARG D 147 -2.32 -61.93 -28.57
C ARG D 147 -3.30 -63.08 -28.36
N GLY D 148 -3.18 -64.17 -29.12
CA GLY D 148 -4.07 -65.30 -28.94
C GLY D 148 -5.12 -65.44 -30.02
N GLU D 149 -6.36 -65.05 -29.72
CA GLU D 149 -7.44 -65.15 -30.71
C GLU D 149 -7.16 -64.31 -31.94
N LEU D 150 -6.44 -63.21 -31.78
CA LEU D 150 -6.18 -62.27 -32.86
C LEU D 150 -4.86 -62.64 -33.55
N ARG D 151 -4.48 -61.84 -34.53
CA ARG D 151 -3.26 -62.15 -35.26
C ARG D 151 -2.04 -61.68 -34.46
N PRO D 152 -0.88 -62.29 -34.69
CA PRO D 152 0.34 -61.84 -34.01
C PRO D 152 0.69 -60.42 -34.42
N VAL D 153 1.26 -59.68 -33.46
CA VAL D 153 1.63 -58.29 -33.67
C VAL D 153 3.04 -58.07 -33.14
N GLU D 154 3.55 -56.86 -33.33
CA GLU D 154 4.88 -56.50 -32.85
C GLU D 154 4.77 -55.26 -31.98
N SER D 155 5.24 -55.37 -30.74
CA SER D 155 5.26 -54.26 -29.79
C SER D 155 6.71 -53.84 -29.62
N CYS D 156 6.99 -52.55 -29.77
CA CYS D 156 8.38 -52.14 -29.91
C CYS D 156 8.75 -51.10 -28.85
N GLU D 157 9.96 -51.24 -28.31
CA GLU D 157 10.45 -50.46 -27.18
C GLU D 157 11.60 -49.58 -27.61
N GLY D 158 11.98 -48.66 -26.71
CA GLY D 158 13.14 -47.83 -26.92
C GLY D 158 12.80 -46.39 -27.20
N ILE D 159 13.76 -45.49 -26.99
CA ILE D 159 13.56 -44.09 -27.35
C ILE D 159 13.50 -43.91 -28.86
N GLY D 160 14.03 -44.87 -29.63
CA GLY D 160 13.97 -44.79 -31.07
C GLY D 160 12.59 -45.01 -31.65
N ASN D 161 11.69 -45.58 -30.87
CA ASN D 161 10.30 -45.70 -31.29
C ASN D 161 9.65 -44.32 -31.32
N PRO D 162 8.85 -44.02 -32.35
CA PRO D 162 8.28 -42.67 -32.43
C PRO D 162 7.32 -42.34 -31.30
N HIS D 163 6.47 -43.30 -30.91
CA HIS D 163 5.54 -43.04 -29.82
C HIS D 163 6.28 -42.72 -28.53
N TYR D 164 7.37 -43.45 -28.26
CA TYR D 164 8.11 -43.21 -27.02
C TYR D 164 8.88 -41.89 -27.07
N PHE D 165 9.39 -41.50 -28.23
CA PHE D 165 10.03 -40.19 -28.36
C PHE D 165 9.02 -39.07 -28.08
N TYR D 166 7.82 -39.17 -28.66
CA TYR D 166 6.78 -38.18 -28.41
C TYR D 166 6.40 -38.13 -26.94
N ILE D 167 6.16 -39.30 -26.33
CA ILE D 167 5.72 -39.35 -24.94
C ILE D 167 6.83 -38.87 -24.01
N THR D 168 8.07 -39.20 -24.30
CA THR D 168 9.19 -38.76 -23.48
C THR D 168 9.34 -37.24 -23.53
N GLY D 169 9.18 -36.64 -24.71
CA GLY D 169 9.16 -35.19 -24.78
C GLY D 169 8.05 -34.59 -23.92
N VAL D 170 6.84 -35.14 -24.05
CA VAL D 170 5.70 -34.63 -23.29
C VAL D 170 5.98 -34.70 -21.79
N PHE D 171 6.48 -35.85 -21.33
CA PHE D 171 6.65 -36.07 -19.89
C PHE D 171 7.86 -35.32 -19.32
N ILE D 172 8.91 -35.12 -20.12
CA ILE D 172 10.01 -34.27 -19.68
C ILE D 172 9.53 -32.84 -19.49
N VAL D 173 8.68 -32.36 -20.40
CA VAL D 173 8.11 -31.02 -20.19
C VAL D 173 7.21 -31.00 -18.97
N ALA D 174 6.36 -32.01 -18.80
CA ALA D 174 5.38 -32.00 -17.72
C ALA D 174 5.97 -32.34 -16.35
N GLY D 175 7.21 -32.81 -16.28
CA GLY D 175 7.83 -33.03 -14.98
C GLY D 175 8.31 -31.78 -14.29
N THR D 176 8.47 -30.68 -15.01
CA THR D 176 8.95 -29.43 -14.44
C THR D 176 7.87 -28.64 -13.73
N VAL D 177 6.62 -29.09 -13.80
CA VAL D 177 5.54 -28.41 -13.09
C VAL D 177 5.79 -28.47 -11.59
N ALA D 178 6.25 -29.62 -11.09
CA ALA D 178 6.56 -29.75 -9.67
C ALA D 178 7.72 -28.85 -9.26
N SER D 179 8.74 -28.72 -10.12
CA SER D 179 9.85 -27.82 -9.80
C SER D 179 9.40 -26.37 -9.76
N SER D 180 8.55 -25.97 -10.71
CA SER D 180 8.03 -24.61 -10.67
C SER D 180 7.19 -24.38 -9.41
N ILE D 181 6.42 -25.38 -9.00
CA ILE D 181 5.62 -25.24 -7.78
C ILE D 181 6.53 -25.13 -6.56
N PHE D 182 7.63 -25.89 -6.54
CA PHE D 182 8.58 -25.77 -5.43
C PHE D 182 9.20 -24.38 -5.38
N TYR D 183 9.60 -23.85 -6.54
CA TYR D 183 10.20 -22.52 -6.57
C TYR D 183 9.20 -21.45 -6.15
N LEU D 184 7.95 -21.57 -6.57
CA LEU D 184 6.93 -20.61 -6.16
C LEU D 184 6.65 -20.71 -4.66
N GLY D 185 6.68 -21.92 -4.10
CA GLY D 185 6.52 -22.05 -2.65
C GLY D 185 7.67 -21.41 -1.89
N VAL D 186 8.89 -21.56 -2.39
CA VAL D 186 10.02 -20.89 -1.76
C VAL D 186 9.90 -19.38 -1.86
N LEU D 187 9.52 -18.87 -3.03
CA LEU D 187 9.48 -17.41 -3.24
C LEU D 187 8.41 -16.75 -2.39
N VAL D 188 7.21 -17.32 -2.33
CA VAL D 188 6.10 -16.64 -1.69
C VAL D 188 6.22 -16.66 -0.16
N SER D 189 7.01 -17.58 0.40
CA SER D 189 7.16 -17.69 1.85
C SER D 189 8.58 -17.46 2.34
N ASP D 190 9.57 -17.42 1.44
CA ASP D 190 10.96 -17.11 1.79
C ASP D 190 11.59 -18.14 2.72
N SER D 191 11.16 -19.41 2.63
CA SER D 191 11.74 -20.48 3.43
C SER D 191 11.50 -21.80 2.71
N ILE D 192 12.29 -22.80 3.10
CA ILE D 192 12.22 -24.12 2.45
C ILE D 192 11.00 -24.91 2.91
N PHE D 193 10.51 -24.66 4.14
CA PHE D 193 9.30 -25.32 4.60
C PHE D 193 8.10 -24.99 3.73
N GLY D 194 8.04 -23.76 3.20
CA GLY D 194 6.94 -23.41 2.31
C GLY D 194 6.97 -24.19 1.01
N GLY D 195 8.15 -24.30 0.39
CA GLY D 195 8.26 -25.10 -0.81
C GLY D 195 7.93 -26.56 -0.56
N PHE D 196 8.35 -27.09 0.59
CA PHE D 196 8.00 -28.46 0.94
C PHE D 196 6.50 -28.61 1.08
N LEU D 197 5.84 -27.67 1.75
CA LEU D 197 4.39 -27.74 1.88
C LEU D 197 3.70 -27.69 0.53
N SER D 198 4.19 -26.85 -0.38
CA SER D 198 3.58 -26.74 -1.70
C SER D 198 3.72 -28.02 -2.51
N VAL D 199 4.93 -28.59 -2.56
CA VAL D 199 5.11 -29.81 -3.34
C VAL D 199 4.37 -30.98 -2.70
N LEU D 200 4.32 -31.03 -1.37
CA LEU D 200 3.58 -32.10 -0.72
C LEU D 200 2.10 -32.01 -1.02
N CYS D 201 1.54 -30.79 -0.98
CA CYS D 201 0.13 -30.64 -1.30
C CYS D 201 -0.14 -30.93 -2.77
N PHE D 202 0.85 -30.69 -3.64
CA PHE D 202 0.70 -31.05 -5.04
C PHE D 202 0.75 -32.55 -5.25
N ALA D 203 1.57 -33.26 -4.46
CA ALA D 203 1.69 -34.70 -4.62
C ALA D 203 0.48 -35.44 -4.07
N PHE D 204 -0.03 -35.01 -2.91
CA PHE D 204 -1.16 -35.68 -2.31
C PHE D 204 -2.48 -35.35 -3.00
N ASN D 205 -2.50 -34.30 -3.82
CA ASN D 205 -3.65 -33.97 -4.65
C ASN D 205 -3.27 -34.04 -6.13
N HIS D 206 -2.36 -34.95 -6.46
CA HIS D 206 -1.89 -35.09 -7.84
C HIS D 206 -3.01 -35.54 -8.77
N GLY D 207 -4.02 -36.20 -8.24
CA GLY D 207 -5.11 -36.67 -9.09
C GLY D 207 -5.92 -35.54 -9.70
N GLU D 208 -6.17 -34.50 -8.92
CA GLU D 208 -6.96 -33.35 -9.38
C GLU D 208 -6.11 -32.30 -10.08
N ALA D 209 -4.81 -32.30 -9.87
CA ALA D 209 -3.97 -31.24 -10.42
C ALA D 209 -3.77 -31.40 -11.91
N THR D 210 -3.53 -32.62 -12.37
CA THR D 210 -3.18 -32.85 -13.77
C THR D 210 -3.70 -34.20 -14.21
N ARG D 211 -3.72 -34.41 -15.53
CA ARG D 211 -4.21 -35.65 -16.17
C ARG D 211 -3.27 -35.97 -17.33
N VAL D 212 -2.07 -35.45 -17.32
CA VAL D 212 -1.13 -35.72 -18.39
C VAL D 212 -0.77 -37.20 -18.47
N GLN D 213 -1.02 -38.00 -17.44
CA GLN D 213 -0.81 -39.47 -17.44
C GLN D 213 -1.91 -40.12 -18.29
N TRP D 214 -3.16 -39.85 -18.06
CA TRP D 214 -4.29 -40.31 -18.86
C TRP D 214 -4.35 -39.77 -20.29
N THR D 215 -4.01 -38.53 -20.54
CA THR D 215 -4.20 -37.87 -21.86
C THR D 215 -2.93 -37.19 -22.30
N PRO D 216 -1.85 -37.88 -22.64
CA PRO D 216 -0.64 -37.18 -22.96
C PRO D 216 -0.64 -36.18 -24.13
N PRO D 217 -1.13 -36.44 -25.38
CA PRO D 217 -1.00 -35.51 -26.52
C PRO D 217 -1.87 -34.27 -26.46
N LEU D 218 -2.62 -34.04 -25.38
CA LEU D 218 -3.47 -32.87 -25.28
C LEU D 218 -2.64 -31.58 -25.29
N ARG D 219 -3.31 -30.47 -25.59
CA ARG D 219 -2.60 -29.21 -25.79
C ARG D 219 -2.13 -28.61 -24.46
N GLU D 220 -3.00 -28.71 -23.44
CA GLU D 220 -2.71 -28.30 -22.03
C GLU D 220 -1.47 -29.01 -21.46
N SER D 221 -1.17 -30.20 -21.87
CA SER D 221 -0.04 -30.97 -21.37
C SER D 221 1.29 -30.37 -21.83
N PHE D 222 1.30 -29.70 -22.97
CA PHE D 222 2.50 -29.05 -23.50
C PHE D 222 2.64 -27.61 -23.02
N ALA D 223 1.54 -26.95 -22.69
CA ALA D 223 1.55 -25.51 -22.45
C ALA D 223 1.55 -25.13 -20.98
N PHE D 224 0.80 -25.84 -20.14
CA PHE D 224 0.72 -25.45 -18.73
C PHE D 224 2.06 -25.38 -18.02
N PRO D 225 3.03 -26.28 -18.26
CA PRO D 225 4.36 -26.07 -17.66
C PRO D 225 4.95 -24.71 -17.96
N PHE D 226 4.80 -24.22 -19.18
CA PHE D 226 5.34 -22.91 -19.53
C PHE D 226 4.56 -21.79 -18.87
N ILE D 227 3.25 -21.95 -18.69
CA ILE D 227 2.46 -20.95 -18.00
C ILE D 227 2.89 -20.82 -16.54
N ILE D 228 3.08 -21.97 -15.87
CA ILE D 228 3.48 -21.88 -14.46
C ILE D 228 4.93 -21.43 -14.33
N GLY D 229 5.79 -21.76 -15.29
CA GLY D 229 7.13 -21.20 -15.30
C GLY D 229 7.11 -19.68 -15.46
N HIS D 230 6.23 -19.18 -16.33
CA HIS D 230 6.08 -17.75 -16.50
C HIS D 230 5.59 -17.09 -15.21
N ILE D 231 4.65 -17.73 -14.51
CA ILE D 231 4.15 -17.19 -13.25
C ILE D 231 5.28 -17.13 -12.21
N ALA D 232 6.11 -18.18 -12.14
CA ALA D 232 7.23 -18.17 -11.21
C ALA D 232 8.23 -17.07 -11.54
N ILE D 233 8.55 -16.89 -12.82
CA ILE D 233 9.48 -15.83 -13.20
C ILE D 233 8.91 -14.46 -12.87
N LEU D 234 7.61 -14.27 -13.09
CA LEU D 234 6.97 -12.99 -12.78
C LEU D 234 6.99 -12.73 -11.28
N THR D 235 6.73 -13.75 -10.46
CA THR D 235 6.80 -13.57 -9.01
C THR D 235 8.20 -13.20 -8.57
N PHE D 236 9.21 -13.82 -9.17
CA PHE D 236 10.59 -13.47 -8.86
C PHE D 236 10.90 -12.02 -9.25
N VAL D 237 10.39 -11.57 -10.41
CA VAL D 237 10.64 -10.22 -10.86
C VAL D 237 9.96 -9.20 -9.95
N ILE D 238 8.74 -9.49 -9.50
CA ILE D 238 8.03 -8.59 -8.61
C ILE D 238 8.69 -8.54 -7.25
N LYS D 239 9.09 -9.70 -6.71
CA LYS D 239 9.55 -9.77 -5.33
C LYS D 239 10.84 -8.98 -5.12
N TYR D 240 11.77 -9.05 -6.07
CA TYR D 240 13.07 -8.40 -5.92
C TYR D 240 13.18 -7.12 -6.74
N LYS D 241 12.08 -6.62 -7.29
CA LYS D 241 12.06 -5.37 -8.05
C LYS D 241 13.13 -5.35 -9.14
N LYS D 242 13.05 -6.34 -10.01
CA LYS D 242 14.00 -6.48 -11.11
C LYS D 242 13.48 -5.76 -12.35
N SER D 243 14.42 -5.40 -13.24
CA SER D 243 14.09 -4.74 -14.48
C SER D 243 15.28 -4.86 -15.43
N GLY D 244 15.07 -4.43 -16.66
CA GLY D 244 16.11 -4.45 -17.67
C GLY D 244 15.77 -5.38 -18.81
N HIS D 245 16.70 -5.47 -19.76
CA HIS D 245 16.53 -6.34 -20.91
C HIS D 245 16.53 -7.81 -20.50
N SER D 246 17.43 -8.19 -19.59
CA SER D 246 17.60 -9.59 -19.22
C SER D 246 16.38 -10.18 -18.56
N MET D 247 15.45 -9.36 -18.08
CA MET D 247 14.19 -9.88 -17.57
C MET D 247 13.12 -9.96 -18.65
N ILE D 248 13.17 -9.05 -19.62
CA ILE D 248 12.28 -9.15 -20.78
C ILE D 248 12.55 -10.45 -21.54
N LEU D 249 13.83 -10.79 -21.72
CA LEU D 249 14.15 -12.06 -22.38
C LEU D 249 13.60 -13.26 -21.60
N LEU D 250 13.76 -13.28 -20.28
CA LEU D 250 13.29 -14.43 -19.52
C LEU D 250 11.78 -14.55 -19.54
N LEU D 251 11.07 -13.43 -19.47
CA LEU D 251 9.61 -13.51 -19.51
C LEU D 251 9.12 -13.91 -20.90
N THR D 252 9.78 -13.42 -21.95
CA THR D 252 9.37 -13.75 -23.31
C THR D 252 9.68 -15.21 -23.64
N SER D 253 10.81 -15.73 -23.15
CA SER D 253 11.19 -17.10 -23.44
C SER D 253 10.26 -18.12 -22.81
N MET D 254 9.46 -17.73 -21.83
CA MET D 254 8.42 -18.60 -21.30
C MET D 254 7.03 -18.19 -21.72
N ALA D 255 6.85 -17.00 -22.30
CA ALA D 255 5.54 -16.61 -22.81
C ALA D 255 5.29 -17.07 -24.23
N VAL D 256 6.29 -16.99 -25.11
CA VAL D 256 6.09 -17.39 -26.51
C VAL D 256 5.74 -18.87 -26.65
N PRO D 257 6.47 -19.81 -26.03
CA PRO D 257 6.06 -21.23 -26.16
C PRO D 257 4.65 -21.49 -25.67
N ALA D 258 4.24 -20.85 -24.58
CA ALA D 258 2.88 -21.07 -24.08
C ALA D 258 1.84 -20.53 -25.05
N LEU D 259 2.15 -19.44 -25.75
CA LEU D 259 1.20 -18.85 -26.69
C LEU D 259 1.12 -19.67 -27.98
N LEU D 260 2.25 -20.14 -28.50
CA LEU D 260 2.23 -20.98 -29.68
C LEU D 260 1.39 -22.22 -29.46
N PHE D 261 1.44 -22.77 -28.26
CA PHE D 261 0.72 -23.97 -27.89
C PHE D 261 -0.65 -23.50 -27.38
N TRP D 262 -1.49 -24.44 -27.06
CA TRP D 262 -2.79 -24.06 -26.46
C TRP D 262 -3.27 -22.63 -26.71
N GLN D 263 -4.12 -22.43 -27.67
CA GLN D 263 -4.75 -21.11 -27.80
C GLN D 263 -5.31 -20.54 -26.48
N PHE D 264 -5.98 -21.38 -25.68
CA PHE D 264 -6.53 -20.93 -24.41
C PHE D 264 -5.52 -20.21 -23.52
N THR D 265 -4.22 -20.39 -23.78
CA THR D 265 -3.20 -19.69 -23.02
C THR D 265 -3.49 -18.20 -22.95
N GLN D 266 -3.99 -17.62 -24.06
CA GLN D 266 -4.28 -16.19 -24.07
C GLN D 266 -5.19 -15.79 -22.92
N PHE D 267 -6.29 -16.54 -22.72
CA PHE D 267 -7.18 -16.17 -21.63
C PHE D 267 -6.47 -16.29 -20.29
N ALA D 268 -5.63 -17.31 -20.12
CA ALA D 268 -4.81 -17.39 -18.91
C ALA D 268 -3.98 -16.12 -18.75
N PHE D 269 -3.29 -15.72 -19.81
CA PHE D 269 -2.48 -14.51 -19.73
C PHE D 269 -3.32 -13.26 -19.56
N PHE D 270 -4.63 -13.34 -19.80
CA PHE D 270 -5.50 -12.23 -19.46
C PHE D 270 -5.70 -12.14 -17.95
N THR D 271 -5.99 -13.27 -17.30
CA THR D 271 -6.24 -13.24 -15.85
C THR D 271 -4.99 -12.84 -15.08
N GLN D 272 -3.82 -13.11 -15.64
CA GLN D 272 -2.58 -12.61 -15.07
C GLN D 272 -2.57 -11.09 -15.08
N ILE D 273 -2.86 -10.49 -16.24
CA ILE D 273 -2.82 -9.03 -16.36
C ILE D 273 -3.84 -8.39 -15.43
N CYS D 274 -5.05 -8.93 -15.39
CA CYS D 274 -6.06 -8.44 -14.46
C CYS D 274 -5.55 -8.44 -13.03
N SER D 275 -4.73 -9.44 -12.67
CA SER D 275 -4.15 -9.46 -11.34
C SER D 275 -3.07 -8.40 -11.20
N ILE D 276 -2.20 -8.28 -12.21
CA ILE D 276 -1.07 -7.35 -12.12
C ILE D 276 -1.58 -5.94 -11.92
N PHE D 277 -2.57 -5.55 -12.71
CA PHE D 277 -3.19 -4.23 -12.55
C PHE D 277 -3.62 -4.02 -11.10
N LEU D 278 -4.29 -5.02 -10.52
CA LEU D 278 -4.78 -4.86 -9.15
C LEU D 278 -3.64 -4.66 -8.17
N ALA D 279 -2.49 -5.29 -8.41
CA ALA D 279 -1.33 -4.99 -7.57
C ALA D 279 -0.85 -3.57 -7.81
N PHE D 280 -0.75 -3.18 -9.08
CA PHE D 280 -0.22 -1.87 -9.42
C PHE D 280 -1.07 -0.75 -8.85
N SER D 281 -2.39 -0.92 -8.86
CA SER D 281 -3.28 0.10 -8.34
C SER D 281 -3.16 0.27 -6.83
N LEU D 282 -2.46 -0.64 -6.14
CA LEU D 282 -2.25 -0.51 -4.71
C LEU D 282 -0.80 -0.13 -4.37
N ASP D 283 -0.05 0.34 -5.36
CA ASP D 283 1.30 0.88 -5.18
C ASP D 283 2.29 -0.17 -4.69
N LEU D 284 2.05 -1.44 -5.00
CA LEU D 284 2.94 -2.52 -4.60
C LEU D 284 3.96 -2.90 -5.67
N ILE D 285 3.87 -2.30 -6.85
CA ILE D 285 4.84 -2.57 -7.92
C ILE D 285 5.42 -1.24 -8.41
N PRO D 286 6.73 -1.11 -8.50
CA PRO D 286 7.32 0.15 -8.97
C PRO D 286 7.10 0.36 -10.46
N PHE D 287 7.41 1.57 -10.89
CA PHE D 287 7.18 1.98 -12.28
C PHE D 287 8.04 1.17 -13.24
N SER D 288 9.34 1.05 -12.93
CA SER D 288 10.26 0.39 -13.86
C SER D 288 9.95 -1.10 -14.01
N THR D 289 9.60 -1.77 -12.92
CA THR D 289 9.26 -3.19 -12.99
C THR D 289 8.02 -3.43 -13.83
N ALA D 290 6.99 -2.60 -13.64
CA ALA D 290 5.77 -2.74 -14.43
C ALA D 290 6.02 -2.43 -15.90
N LYS D 291 6.89 -1.47 -16.19
CA LYS D 291 7.26 -1.20 -17.57
C LYS D 291 7.95 -2.40 -18.20
N THR D 292 8.86 -3.04 -17.46
CA THR D 292 9.50 -4.25 -17.97
C THR D 292 8.48 -5.36 -18.23
N VAL D 293 7.53 -5.54 -17.32
CA VAL D 293 6.53 -6.60 -17.47
C VAL D 293 5.69 -6.37 -18.72
N ILE D 294 5.20 -5.13 -18.90
CA ILE D 294 4.33 -4.88 -20.04
C ILE D 294 5.12 -4.93 -21.36
N HIS D 295 6.39 -4.53 -21.35
CA HIS D 295 7.19 -4.66 -22.57
C HIS D 295 7.37 -6.13 -22.93
N SER D 296 7.60 -6.98 -21.93
CA SER D 296 7.72 -8.40 -22.20
C SER D 296 6.45 -8.96 -22.82
N HIS D 297 5.28 -8.58 -22.28
CA HIS D 297 4.03 -9.04 -22.90
C HIS D 297 3.84 -8.50 -24.32
N ILE D 298 4.21 -7.25 -24.57
CA ILE D 298 4.05 -6.70 -25.92
C ILE D 298 4.90 -7.51 -26.91
N ILE D 299 6.16 -7.74 -26.57
CA ILE D 299 7.04 -8.47 -27.47
C ILE D 299 6.56 -9.91 -27.66
N SER D 300 6.13 -10.55 -26.57
CA SER D 300 5.69 -11.94 -26.68
C SER D 300 4.43 -12.04 -27.55
N PHE D 301 3.49 -11.11 -27.40
CA PHE D 301 2.31 -11.13 -28.24
C PHE D 301 2.67 -10.91 -29.70
N LEU D 302 3.59 -9.99 -29.99
CA LEU D 302 3.96 -9.76 -31.38
C LEU D 302 4.60 -11.00 -31.98
N ILE D 303 5.51 -11.64 -31.26
CA ILE D 303 6.17 -12.83 -31.79
C ILE D 303 5.16 -13.97 -31.98
N GLY D 304 4.26 -14.17 -31.01
CA GLY D 304 3.25 -15.20 -31.17
C GLY D 304 2.33 -14.95 -32.34
N PHE D 305 1.92 -13.69 -32.54
CA PHE D 305 1.07 -13.33 -33.67
C PHE D 305 1.78 -13.58 -34.99
N LEU D 306 3.06 -13.22 -35.08
CA LEU D 306 3.82 -13.48 -36.30
C LEU D 306 3.95 -14.97 -36.58
N LEU D 307 4.30 -15.75 -35.55
CA LEU D 307 4.55 -17.18 -35.75
C LEU D 307 3.28 -17.95 -36.08
N LEU D 308 2.13 -17.46 -35.62
CA LEU D 308 0.86 -18.08 -35.97
C LEU D 308 0.29 -17.56 -37.27
N PHE D 309 1.14 -17.00 -38.14
CA PHE D 309 0.76 -16.57 -39.48
C PHE D 309 -0.36 -15.53 -39.45
N GLY D 310 -0.28 -14.60 -38.50
CA GLY D 310 -1.26 -13.52 -38.42
C GLY D 310 -2.67 -13.99 -38.14
N ASN D 311 -2.84 -14.96 -37.25
CA ASN D 311 -4.15 -15.49 -36.93
C ASN D 311 -5.07 -14.38 -36.41
N GLU D 312 -6.15 -14.11 -37.14
CA GLU D 312 -7.03 -13.00 -36.82
C GLU D 312 -7.80 -13.27 -35.54
N MET D 313 -7.65 -14.48 -34.99
CA MET D 313 -8.23 -14.82 -33.71
C MET D 313 -7.47 -14.17 -32.56
N MET D 314 -6.14 -14.06 -32.66
CA MET D 314 -5.36 -13.49 -31.56
C MET D 314 -5.79 -12.07 -31.26
N ILE D 315 -5.94 -11.25 -32.30
CA ILE D 315 -6.66 -9.99 -32.14
C ILE D 315 -8.13 -10.30 -31.98
N THR D 316 -8.83 -9.48 -31.20
CA THR D 316 -10.24 -9.60 -30.80
C THR D 316 -10.43 -10.63 -29.69
N ALA D 317 -9.35 -11.19 -29.16
CA ALA D 317 -9.40 -11.90 -27.89
C ALA D 317 -9.31 -10.86 -26.78
N LEU D 318 -9.21 -11.30 -25.53
CA LEU D 318 -9.07 -10.38 -24.42
C LEU D 318 -7.63 -10.10 -24.04
N TYR D 319 -6.67 -10.75 -24.67
CA TYR D 319 -5.28 -10.62 -24.26
C TYR D 319 -4.60 -9.40 -24.88
N PHE D 320 -5.01 -8.99 -26.07
CA PHE D 320 -4.43 -7.84 -26.75
C PHE D 320 -4.98 -6.51 -26.21
N PRO D 321 -6.31 -6.35 -26.12
CA PRO D 321 -6.83 -5.14 -25.49
C PRO D 321 -6.37 -4.96 -24.06
N SER D 322 -6.21 -6.06 -23.30
CA SER D 322 -5.70 -5.95 -21.94
C SER D 322 -4.28 -5.43 -21.91
N ILE D 323 -3.43 -5.91 -22.82
CA ILE D 323 -2.06 -5.41 -22.90
C ILE D 323 -2.07 -3.91 -23.16
N LEU D 324 -2.87 -3.47 -24.13
CA LEU D 324 -2.91 -2.04 -24.44
C LEU D 324 -3.46 -1.22 -23.28
N ALA D 325 -4.52 -1.69 -22.64
CA ALA D 325 -5.12 -0.96 -21.53
C ALA D 325 -4.16 -0.83 -20.36
N LEU D 326 -3.50 -1.93 -20.00
CA LEU D 326 -2.53 -1.89 -18.90
C LEU D 326 -1.35 -1.00 -19.25
N GLY D 327 -0.89 -1.02 -20.50
CA GLY D 327 0.19 -0.12 -20.89
C GLY D 327 -0.20 1.33 -20.76
N MET D 328 -1.42 1.68 -21.19
CA MET D 328 -1.89 3.05 -21.05
C MET D 328 -1.98 3.47 -19.60
N ILE D 329 -2.49 2.59 -18.74
CA ILE D 329 -2.61 2.93 -17.32
C ILE D 329 -1.25 3.07 -16.67
N ILE D 330 -0.29 2.23 -17.06
CA ILE D 330 1.06 2.34 -16.51
C ILE D 330 1.69 3.66 -16.93
N TYR D 331 1.53 4.06 -18.19
CA TYR D 331 2.26 5.22 -18.67
C TYR D 331 1.62 6.55 -18.29
N ILE D 332 0.36 6.55 -17.87
CA ILE D 332 -0.29 7.75 -17.37
C ILE D 332 -0.38 7.74 -15.85
N SER D 333 0.41 6.90 -15.19
CA SER D 333 0.43 6.80 -13.74
C SER D 333 1.20 7.94 -13.09
N PRO D 334 2.36 8.37 -13.60
CA PRO D 334 3.05 9.51 -12.98
C PRO D 334 2.25 10.80 -13.00
N LEU D 335 1.32 10.97 -13.95
CA LEU D 335 0.48 12.16 -13.95
C LEU D 335 -0.48 12.20 -12.78
N LEU D 336 -0.65 11.10 -12.05
CA LEU D 336 -1.56 11.03 -10.93
C LEU D 336 -0.84 10.90 -9.60
N SER D 337 0.42 11.35 -9.52
CA SER D 337 1.19 11.22 -8.30
C SER D 337 0.53 11.95 -7.15
N ASN D 338 0.03 13.15 -7.39
CA ASN D 338 -0.50 14.00 -6.33
C ASN D 338 -1.84 13.53 -5.80
N LEU D 339 -2.49 12.56 -6.43
CA LEU D 339 -3.72 12.01 -5.88
C LEU D 339 -3.44 11.35 -4.54
N LYS D 340 -4.32 11.59 -3.57
CA LYS D 340 -4.12 11.11 -2.21
C LYS D 340 -5.24 10.21 -1.72
N PHE D 341 -6.47 10.46 -2.13
CA PHE D 341 -7.58 9.61 -1.71
C PHE D 341 -7.52 8.31 -2.50
N ARG D 342 -7.12 7.24 -1.84
CA ARG D 342 -6.86 5.97 -2.53
C ARG D 342 -8.08 5.39 -3.23
N PRO D 343 -9.27 5.34 -2.61
CA PRO D 343 -10.42 4.77 -3.34
C PRO D 343 -10.71 5.46 -4.66
N ALA D 344 -10.58 6.79 -4.73
CA ALA D 344 -10.79 7.49 -5.99
C ALA D 344 -9.77 7.06 -7.03
N TYR D 345 -8.50 6.94 -6.64
CA TYR D 345 -7.45 6.52 -7.56
C TYR D 345 -7.72 5.12 -8.11
N VAL D 346 -8.06 4.19 -7.21
CA VAL D 346 -8.31 2.81 -7.63
C VAL D 346 -9.53 2.74 -8.53
N LEU D 347 -10.61 3.44 -8.16
CA LEU D 347 -11.81 3.43 -8.97
C LEU D 347 -11.56 4.04 -10.35
N PHE D 348 -10.78 5.11 -10.41
CA PHE D 348 -10.45 5.73 -11.69
C PHE D 348 -9.68 4.77 -12.58
N LEU D 349 -8.64 4.13 -12.03
CA LEU D 349 -7.85 3.22 -12.86
C LEU D 349 -8.66 2.00 -13.28
N ALA D 350 -9.55 1.51 -12.40
CA ALA D 350 -10.40 0.39 -12.76
C ALA D 350 -11.34 0.75 -13.90
N ILE D 351 -11.93 1.95 -13.84
CA ILE D 351 -12.82 2.39 -14.91
C ILE D 351 -12.05 2.48 -16.23
N ILE D 352 -10.85 3.07 -16.19
CA ILE D 352 -10.05 3.19 -17.42
C ILE D 352 -9.70 1.82 -17.98
N PHE D 353 -9.26 0.89 -17.11
CA PHE D 353 -8.88 -0.44 -17.58
C PHE D 353 -10.05 -1.15 -18.24
N ALA D 354 -11.19 -1.24 -17.53
CA ALA D 354 -12.33 -1.95 -18.07
C ALA D 354 -12.83 -1.30 -19.35
N SER D 355 -12.96 0.03 -19.35
CA SER D 355 -13.51 0.71 -20.53
C SER D 355 -12.60 0.56 -21.73
N ILE D 356 -11.29 0.73 -21.57
CA ILE D 356 -10.39 0.61 -22.71
C ILE D 356 -10.42 -0.81 -23.25
N THR D 357 -10.32 -1.81 -22.37
CA THR D 357 -10.26 -3.18 -22.89
C THR D 357 -11.58 -3.57 -23.56
N LEU D 358 -12.72 -3.20 -22.97
CA LEU D 358 -14.00 -3.55 -23.57
C LEU D 358 -14.22 -2.82 -24.89
N GLY D 359 -13.93 -1.51 -24.93
CA GLY D 359 -14.10 -0.77 -26.16
C GLY D 359 -13.18 -1.24 -27.27
N LEU D 360 -11.97 -1.69 -26.93
CA LEU D 360 -11.09 -2.23 -27.96
C LEU D 360 -11.56 -3.60 -28.42
N LYS D 361 -12.17 -4.40 -27.54
CA LYS D 361 -12.68 -5.69 -27.98
C LYS D 361 -13.85 -5.51 -28.93
N ILE D 362 -14.86 -4.72 -28.53
CA ILE D 362 -16.02 -4.50 -29.39
C ILE D 362 -15.72 -3.58 -30.54
N GLY D 363 -14.70 -2.74 -30.43
CA GLY D 363 -14.28 -1.93 -31.57
C GLY D 363 -13.57 -2.69 -32.64
N LEU D 364 -13.28 -3.97 -32.41
CA LEU D 364 -12.67 -4.83 -33.40
C LEU D 364 -13.52 -6.02 -33.78
N SER D 365 -14.44 -6.46 -32.91
CA SER D 365 -15.32 -7.57 -33.24
C SER D 365 -16.53 -7.10 -34.06
N LYS D 366 -17.37 -6.27 -33.46
CA LYS D 366 -18.51 -5.67 -34.13
C LYS D 366 -18.15 -4.37 -34.84
N GLY D 367 -16.86 -4.08 -34.94
CA GLY D 367 -16.39 -2.92 -35.65
C GLY D 367 -15.89 -3.32 -37.02
N LEU D 368 -14.59 -3.53 -37.15
CA LEU D 368 -13.99 -3.93 -38.42
C LEU D 368 -14.48 -5.28 -38.92
N GLY D 369 -15.39 -5.93 -38.21
CA GLY D 369 -16.03 -7.15 -38.69
C GLY D 369 -15.08 -8.33 -38.80
N ILE D 370 -14.24 -8.50 -37.79
CA ILE D 370 -13.33 -9.64 -37.72
C ILE D 370 -14.03 -10.88 -37.18
N GLU D 371 -14.96 -10.70 -36.24
CA GLU D 371 -15.90 -11.74 -35.82
C GLU D 371 -15.17 -13.01 -35.35
N ASP D 372 -14.48 -12.86 -34.23
CA ASP D 372 -13.76 -13.98 -33.64
C ASP D 372 -14.71 -15.09 -33.19
N ASP D 373 -14.16 -16.21 -32.77
CA ASP D 373 -14.96 -17.35 -32.34
C ASP D 373 -15.49 -17.10 -30.93
N ALA D 374 -16.81 -17.02 -30.80
CA ALA D 374 -17.47 -16.86 -29.51
C ALA D 374 -18.10 -18.20 -29.14
N HIS D 375 -17.30 -19.08 -28.54
CA HIS D 375 -17.85 -20.27 -27.92
C HIS D 375 -17.59 -20.32 -26.43
N ILE D 376 -16.60 -19.57 -25.94
CA ILE D 376 -16.43 -19.42 -24.50
C ILE D 376 -17.66 -18.77 -23.89
N PHE D 377 -18.16 -17.70 -24.54
CA PHE D 377 -19.33 -16.98 -24.05
C PHE D 377 -20.63 -17.70 -24.34
N ASP D 378 -20.66 -18.66 -25.27
CA ASP D 378 -21.91 -19.38 -25.49
C ASP D 378 -22.19 -20.42 -24.41
N ILE D 379 -21.14 -21.08 -23.92
CA ILE D 379 -21.33 -22.01 -22.80
C ILE D 379 -21.78 -21.25 -21.56
N LEU D 380 -21.14 -20.11 -21.28
CA LEU D 380 -21.44 -19.38 -20.05
C LEU D 380 -22.86 -18.85 -20.05
N ARG D 381 -23.36 -18.40 -21.20
CA ARG D 381 -24.73 -17.91 -21.25
C ARG D 381 -25.75 -19.02 -21.02
N SER D 382 -25.44 -20.25 -21.45
CA SER D 382 -26.35 -21.36 -21.26
C SER D 382 -26.40 -21.82 -19.81
N LYS D 383 -25.34 -21.57 -19.04
CA LYS D 383 -25.33 -21.99 -17.64
C LYS D 383 -26.30 -21.17 -16.79
N PHE D 384 -26.39 -19.87 -17.05
CA PHE D 384 -27.23 -18.96 -16.28
C PHE D 384 -28.56 -18.66 -16.94
N THR D 385 -28.56 -18.38 -18.24
CA THR D 385 -29.78 -18.13 -18.99
C THR D 385 -30.28 -19.45 -19.58
N SER D 386 -31.25 -19.38 -20.50
CA SER D 386 -31.86 -20.56 -21.10
C SER D 386 -31.42 -20.77 -22.56
N PHE D 387 -30.29 -20.18 -22.95
CA PHE D 387 -29.72 -20.31 -24.28
C PHE D 387 -29.38 -21.77 -24.59
N ALA D 388 -30.10 -22.40 -25.53
CA ALA D 388 -29.98 -23.85 -25.73
C ALA D 388 -28.90 -24.20 -26.75
N ASN D 389 -29.08 -23.80 -28.01
CA ASN D 389 -27.99 -23.78 -28.98
C ASN D 389 -27.26 -25.12 -29.12
N PHE D 390 -27.82 -26.06 -29.88
CA PHE D 390 -27.30 -27.42 -30.09
C PHE D 390 -25.78 -27.47 -30.00
N HIS D 391 -25.12 -26.45 -30.54
CA HIS D 391 -23.67 -26.32 -30.38
C HIS D 391 -23.27 -26.36 -28.91
N THR D 392 -23.97 -25.60 -28.07
CA THR D 392 -23.64 -25.60 -26.64
C THR D 392 -24.04 -26.91 -25.98
N ARG D 393 -25.13 -27.53 -26.44
CA ARG D 393 -25.53 -28.82 -25.90
C ARG D 393 -24.47 -29.88 -26.16
N LEU D 394 -23.69 -29.73 -27.23
CA LEU D 394 -22.60 -30.67 -27.45
C LEU D 394 -21.47 -30.50 -26.42
N TYR D 395 -21.32 -29.30 -25.86
CA TYR D 395 -20.38 -29.06 -24.76
C TYR D 395 -20.97 -29.32 -23.38
N THR D 396 -22.18 -28.84 -23.11
CA THR D 396 -22.63 -28.79 -21.72
C THR D 396 -22.91 -30.18 -21.14
N CYS D 397 -23.32 -31.14 -21.97
CA CYS D 397 -23.53 -32.49 -21.48
C CYS D 397 -22.24 -33.32 -21.43
N SER D 398 -21.12 -32.77 -21.88
CA SER D 398 -19.87 -33.51 -21.97
C SER D 398 -19.26 -33.84 -20.63
N ALA D 399 -19.79 -33.28 -19.53
CA ALA D 399 -19.33 -33.58 -18.17
C ALA D 399 -17.90 -33.09 -17.95
N GLU D 400 -17.28 -32.36 -18.89
CA GLU D 400 -15.98 -31.66 -18.70
C GLU D 400 -16.17 -30.16 -18.94
N PHE D 401 -17.35 -29.71 -19.34
CA PHE D 401 -17.64 -28.28 -19.48
C PHE D 401 -18.86 -28.10 -18.61
N ASP D 402 -18.96 -28.94 -17.59
CA ASP D 402 -20.00 -28.80 -16.58
C ASP D 402 -19.41 -28.16 -15.32
N PHE D 403 -20.31 -27.81 -14.40
CA PHE D 403 -19.90 -27.24 -13.13
C PHE D 403 -19.01 -28.21 -12.36
N ILE D 404 -18.28 -27.68 -11.38
CA ILE D 404 -17.45 -28.53 -10.55
C ILE D 404 -18.35 -29.43 -9.70
N GLN D 405 -17.89 -30.64 -9.45
CA GLN D 405 -18.69 -31.59 -8.68
C GLN D 405 -18.32 -31.53 -7.20
N TYR D 406 -19.31 -31.81 -6.35
CA TYR D 406 -19.08 -31.83 -4.91
C TYR D 406 -18.06 -32.88 -4.52
N SER D 407 -17.91 -33.93 -5.34
CA SER D 407 -16.91 -34.96 -5.05
C SER D 407 -15.51 -34.38 -5.10
N THR D 408 -15.21 -33.53 -6.08
CA THR D 408 -13.90 -32.91 -6.15
C THR D 408 -13.64 -32.02 -4.94
N ILE D 409 -14.65 -31.26 -4.51
CA ILE D 409 -14.48 -30.39 -3.36
C ILE D 409 -14.24 -31.20 -2.09
N GLU D 410 -15.02 -32.26 -1.88
CA GLU D 410 -14.78 -33.11 -0.72
C GLU D 410 -13.43 -33.80 -0.78
N LYS D 411 -12.97 -34.15 -1.99
CA LYS D 411 -11.67 -34.78 -2.13
C LYS D 411 -10.54 -33.80 -1.83
N LEU D 412 -10.70 -32.54 -2.22
CA LEU D 412 -9.70 -31.52 -1.88
C LEU D 412 -9.71 -31.21 -0.39
N CYS D 413 -10.89 -31.23 0.24
CA CYS D 413 -10.95 -31.02 1.68
C CYS D 413 -10.45 -32.23 2.46
N GLY D 414 -10.43 -33.41 1.85
CA GLY D 414 -9.94 -34.59 2.54
C GLY D 414 -8.48 -34.51 2.89
N THR D 415 -7.66 -33.99 1.97
CA THR D 415 -6.24 -33.78 2.21
C THR D 415 -5.97 -32.51 3.01
N LEU D 416 -7.00 -31.81 3.45
CA LEU D 416 -6.90 -30.55 4.19
C LEU D 416 -6.23 -29.45 3.37
N LEU D 417 -6.26 -29.55 2.05
CA LEU D 417 -5.67 -28.52 1.21
C LEU D 417 -6.47 -27.23 1.27
N ILE D 418 -7.79 -27.34 1.13
CA ILE D 418 -8.64 -26.15 1.18
C ILE D 418 -8.58 -25.45 2.53
N PRO D 419 -8.71 -26.14 3.68
CA PRO D 419 -8.56 -25.42 4.96
C PRO D 419 -7.21 -24.75 5.13
N LEU D 420 -6.13 -25.37 4.68
CA LEU D 420 -4.80 -24.77 4.82
C LEU D 420 -4.69 -23.49 4.00
N ALA D 421 -5.11 -23.54 2.73
CA ALA D 421 -5.06 -22.36 1.89
C ALA D 421 -5.99 -21.28 2.40
N LEU D 422 -7.15 -21.68 2.94
CA LEU D 422 -8.09 -20.71 3.50
C LEU D 422 -7.48 -19.98 4.68
N ILE D 423 -6.83 -20.72 5.59
CA ILE D 423 -6.19 -20.12 6.75
C ILE D 423 -5.07 -19.17 6.32
N SER D 424 -4.26 -19.60 5.35
CA SER D 424 -3.21 -18.72 4.85
C SER D 424 -3.79 -17.45 4.23
N LEU D 425 -4.90 -17.59 3.52
CA LEU D 425 -5.54 -16.46 2.85
C LEU D 425 -6.06 -15.45 3.87
N VAL D 426 -6.74 -15.92 4.91
CA VAL D 426 -7.27 -15.00 5.90
C VAL D 426 -6.14 -14.34 6.69
N THR D 427 -5.06 -15.09 6.96
CA THR D 427 -3.90 -14.48 7.61
C THR D 427 -3.31 -13.36 6.77
N PHE D 428 -3.17 -13.59 5.46
CA PHE D 428 -2.63 -12.55 4.59
C PHE D 428 -3.55 -11.34 4.57
N VAL D 429 -4.86 -11.56 4.51
CA VAL D 429 -5.81 -10.44 4.49
C VAL D 429 -5.66 -9.61 5.75
N PHE D 430 -5.56 -10.28 6.91
CA PHE D 430 -5.37 -9.60 8.18
C PHE D 430 -4.11 -8.72 8.15
N ASN D 431 -2.98 -9.32 7.78
CA ASN D 431 -1.72 -8.58 7.79
C ASN D 431 -1.76 -7.39 6.83
N PHE D 432 -2.29 -7.62 5.62
CA PHE D 432 -2.34 -6.57 4.62
C PHE D 432 -3.23 -5.41 5.06
N VAL D 433 -4.38 -5.72 5.68
CA VAL D 433 -5.28 -4.64 6.06
C VAL D 433 -4.74 -3.87 7.26
N LYS D 434 -3.92 -4.52 8.10
CA LYS D 434 -3.40 -3.83 9.28
C LYS D 434 -1.92 -3.46 9.18
N ASN D 435 -1.35 -3.43 7.97
CA ASN D 435 -0.03 -2.81 7.78
C ASN D 435 -0.02 -1.87 6.58
N THR D 436 -1.13 -1.16 6.34
CA THR D 436 -1.21 -0.27 5.19
C THR D 436 -2.38 0.70 5.39
N ASN D 437 -2.16 1.97 5.04
CA ASN D 437 -3.21 2.97 5.12
C ASN D 437 -4.16 2.81 3.94
N LEU D 438 -5.41 2.44 4.22
CA LEU D 438 -6.36 2.10 3.17
C LEU D 438 -6.80 3.35 2.40
N LEU D 439 -7.11 4.43 3.11
CA LEU D 439 -7.77 5.58 2.48
C LEU D 439 -6.80 6.53 1.83
N TRP D 440 -5.56 6.61 2.30
CA TRP D 440 -4.63 7.65 1.85
C TRP D 440 -3.36 7.00 1.34
N ARG D 441 -2.95 7.39 0.15
CA ARG D 441 -1.83 6.77 -0.53
C ARG D 441 -0.71 7.79 -0.73
N ASN D 442 0.51 7.29 -0.77
CA ASN D 442 1.69 8.07 -1.10
C ASN D 442 2.33 7.44 -2.32
N SER D 443 2.38 8.20 -3.42
CA SER D 443 2.90 7.70 -4.68
C SER D 443 4.40 7.48 -4.67
N GLU D 444 5.08 7.75 -3.55
CA GLU D 444 6.52 7.60 -3.46
C GLU D 444 6.95 6.38 -2.65
N GLU D 445 6.02 5.71 -1.98
CA GLU D 445 6.35 4.59 -1.10
C GLU D 445 5.70 3.33 -1.63
N ILE D 446 6.52 2.33 -1.95
CA ILE D 446 6.01 1.04 -2.39
C ILE D 446 5.63 0.21 -1.17
N GLY D 447 4.49 -0.45 -1.23
CA GLY D 447 3.87 -1.09 -0.09
C GLY D 447 4.38 -2.45 0.33
N GLU D 448 5.31 -3.06 -0.42
CA GLU D 448 5.95 -4.33 -0.05
C GLU D 448 4.98 -5.51 -0.09
N ASN D 449 5.50 -6.70 -0.39
CA ASN D 449 4.72 -7.95 -0.48
C ASN D 449 3.71 -7.90 -1.62
N GLY D 450 4.18 -7.50 -2.81
CA GLY D 450 3.31 -7.47 -3.96
C GLY D 450 3.14 -8.81 -4.63
N GLU D 451 4.17 -9.66 -4.57
CA GLU D 451 4.08 -10.98 -5.19
C GLU D 451 3.04 -11.85 -4.51
N ILE D 452 2.89 -11.72 -3.19
CA ILE D 452 1.88 -12.50 -2.47
C ILE D 452 0.48 -12.06 -2.87
N LEU D 453 0.24 -10.74 -2.98
CA LEU D 453 -1.07 -10.27 -3.44
C LEU D 453 -1.34 -10.71 -4.86
N TYR D 454 -0.33 -10.63 -5.72
CA TYR D 454 -0.49 -11.07 -7.10
C TYR D 454 -0.93 -12.53 -7.16
N ASN D 455 -0.27 -13.38 -6.38
CA ASN D 455 -0.62 -14.80 -6.37
C ASN D 455 -2.00 -15.04 -5.77
N VAL D 456 -2.38 -14.27 -4.75
CA VAL D 456 -3.71 -14.45 -4.16
C VAL D 456 -4.81 -14.07 -5.15
N VAL D 457 -4.62 -12.96 -5.88
CA VAL D 457 -5.62 -12.56 -6.86
C VAL D 457 -5.68 -13.57 -8.02
N GLN D 458 -4.51 -14.07 -8.43
CA GLN D 458 -4.49 -15.12 -9.44
C GLN D 458 -5.25 -16.36 -8.96
N LEU D 459 -5.11 -16.69 -7.68
CA LEU D 459 -5.86 -17.83 -7.15
C LEU D 459 -7.36 -17.58 -7.20
N CYS D 460 -7.80 -16.37 -6.87
CA CYS D 460 -9.23 -16.09 -6.93
C CYS D 460 -9.77 -16.21 -8.36
N CYS D 461 -9.04 -15.68 -9.33
CA CYS D 461 -9.45 -15.81 -10.73
C CYS D 461 -9.51 -17.28 -11.15
N SER D 462 -8.48 -18.06 -10.80
CA SER D 462 -8.46 -19.47 -11.17
C SER D 462 -9.56 -20.25 -10.47
N THR D 463 -9.89 -19.90 -9.24
CA THR D 463 -10.98 -20.58 -8.55
C THR D 463 -12.31 -20.31 -9.24
N VAL D 464 -12.53 -19.08 -9.70
CA VAL D 464 -13.77 -18.78 -10.43
C VAL D 464 -13.83 -19.61 -11.71
N MET D 465 -12.72 -19.63 -12.47
CA MET D 465 -12.71 -20.41 -13.71
C MET D 465 -12.96 -21.89 -13.44
N ALA D 466 -12.30 -22.44 -12.42
CA ALA D 466 -12.44 -23.86 -12.12
C ALA D 466 -13.83 -24.20 -11.64
N PHE D 467 -14.49 -23.33 -10.88
CA PHE D 467 -15.86 -23.61 -10.48
C PHE D 467 -16.81 -23.57 -11.68
N LEU D 468 -16.63 -22.59 -12.57
CA LEU D 468 -17.56 -22.47 -13.69
C LEU D 468 -17.42 -23.64 -14.66
N ILE D 469 -16.23 -23.96 -15.15
CA ILE D 469 -15.96 -25.02 -16.13
C ILE D 469 -14.88 -25.95 -15.58
N MET D 470 -15.19 -27.18 -15.20
CA MET D 470 -14.23 -28.17 -14.68
C MET D 470 -13.28 -28.46 -15.80
N ARG D 471 -12.02 -28.76 -15.57
CA ARG D 471 -10.90 -28.87 -16.54
C ARG D 471 -10.09 -27.60 -16.41
N LEU D 472 -10.64 -26.56 -15.79
CA LEU D 472 -9.86 -25.34 -15.47
C LEU D 472 -9.39 -25.50 -14.02
N LYS D 473 -9.67 -26.64 -13.38
CA LYS D 473 -9.13 -27.06 -12.06
C LYS D 473 -7.61 -27.27 -12.23
N LEU D 474 -7.09 -27.51 -13.40
CA LEU D 474 -5.65 -27.60 -13.64
C LEU D 474 -4.94 -26.30 -13.27
N PHE D 475 -5.60 -25.15 -13.17
CA PHE D 475 -5.15 -23.84 -12.72
C PHE D 475 -5.40 -23.64 -11.24
N MET D 476 -6.54 -24.12 -10.74
CA MET D 476 -6.92 -23.85 -9.36
C MET D 476 -6.06 -24.63 -8.38
N THR D 477 -5.84 -25.93 -8.63
CA THR D 477 -5.19 -26.75 -7.62
C THR D 477 -3.74 -26.36 -7.34
N PRO D 478 -2.88 -26.18 -8.34
CA PRO D 478 -1.51 -25.71 -8.01
C PRO D 478 -1.47 -24.34 -7.35
N HIS D 479 -2.41 -23.45 -7.67
CA HIS D 479 -2.46 -22.18 -6.95
C HIS D 479 -2.93 -22.36 -5.52
N LEU D 480 -3.83 -23.32 -5.28
CA LEU D 480 -4.16 -23.66 -3.90
C LEU D 480 -2.93 -24.16 -3.16
N CYS D 481 -2.08 -24.94 -3.82
CA CYS D 481 -0.83 -25.38 -3.19
C CYS D 481 0.08 -24.21 -2.86
N ILE D 482 0.23 -23.29 -3.82
CA ILE D 482 1.11 -22.13 -3.61
C ILE D 482 0.58 -21.26 -2.47
N VAL D 483 -0.74 -21.08 -2.40
CA VAL D 483 -1.31 -20.26 -1.33
C VAL D 483 -1.18 -20.96 0.03
N ALA D 484 -1.33 -22.29 0.06
CA ALA D 484 -1.09 -23.02 1.30
C ALA D 484 0.36 -22.94 1.73
N ALA D 485 1.27 -22.72 0.78
CA ALA D 485 2.69 -22.56 1.12
C ALA D 485 2.97 -21.28 1.90
N LEU D 486 2.01 -20.38 2.01
CA LEU D 486 2.16 -19.16 2.80
C LEU D 486 2.24 -19.44 4.30
N PHE D 487 1.91 -20.65 4.73
CA PHE D 487 1.86 -20.99 6.15
C PHE D 487 3.23 -20.92 6.81
N ALA D 488 4.31 -20.92 6.03
CA ALA D 488 5.67 -20.89 6.56
C ALA D 488 6.34 -19.53 6.39
N ASN D 489 5.57 -18.46 6.25
CA ASN D 489 6.15 -17.13 6.14
C ASN D 489 6.51 -16.62 7.53
N SER D 490 7.79 -16.28 7.74
CA SER D 490 8.25 -15.89 9.07
C SER D 490 7.74 -14.51 9.46
N LYS D 491 7.67 -13.58 8.49
CA LYS D 491 7.21 -12.23 8.81
C LYS D 491 5.78 -12.22 9.31
N LEU D 492 4.90 -12.99 8.68
CA LEU D 492 3.50 -13.01 9.06
C LEU D 492 2.99 -14.43 9.30
N SER D 499 9.05 -17.24 17.92
CA SER D 499 10.01 -18.19 18.45
C SER D 499 10.35 -19.27 17.42
N LYS D 500 11.65 -19.49 17.21
CA LYS D 500 12.09 -20.47 16.23
C LYS D 500 11.63 -21.88 16.62
N THR D 501 11.82 -22.26 17.88
CA THR D 501 11.49 -23.61 18.31
C THR D 501 10.01 -23.90 18.16
N ILE D 502 9.15 -22.94 18.52
CA ILE D 502 7.71 -23.15 18.37
C ILE D 502 7.34 -23.21 16.88
N ARG D 503 7.97 -22.38 16.06
CA ARG D 503 7.63 -22.35 14.64
C ARG D 503 8.05 -23.64 13.94
N VAL D 504 9.29 -24.07 14.14
CA VAL D 504 9.78 -25.28 13.49
C VAL D 504 9.08 -26.53 14.01
N SER D 505 8.74 -26.58 15.29
CA SER D 505 8.08 -27.76 15.84
C SER D 505 6.62 -27.88 15.44
N ALA D 506 5.97 -26.78 15.03
CA ALA D 506 4.60 -26.86 14.58
C ALA D 506 4.47 -26.99 13.08
N LEU D 507 5.46 -26.49 12.33
CA LEU D 507 5.46 -26.70 10.88
C LEU D 507 5.64 -28.18 10.55
N VAL D 508 6.53 -28.87 11.27
CA VAL D 508 6.68 -30.31 11.06
C VAL D 508 5.43 -31.06 11.50
N GLY D 509 4.67 -30.51 12.45
CA GLY D 509 3.39 -31.10 12.78
C GLY D 509 2.41 -31.04 11.63
N VAL D 510 2.40 -29.91 10.90
CA VAL D 510 1.55 -29.79 9.72
C VAL D 510 2.02 -30.74 8.62
N ILE D 511 3.33 -30.82 8.40
CA ILE D 511 3.85 -31.74 7.39
C ILE D 511 3.50 -33.18 7.74
N ALA D 512 3.51 -33.50 9.04
CA ALA D 512 3.18 -34.86 9.47
C ALA D 512 1.70 -35.16 9.30
N ILE D 513 0.82 -34.22 9.67
CA ILE D 513 -0.61 -34.49 9.50
C ILE D 513 -0.98 -34.53 8.03
N LEU D 514 -0.25 -33.80 7.18
CA LEU D 514 -0.48 -33.91 5.74
C LEU D 514 -0.11 -35.29 5.22
N PHE D 515 1.01 -35.84 5.68
CA PHE D 515 1.41 -37.18 5.27
C PHE D 515 0.39 -38.22 5.70
N TYR D 516 -0.30 -37.99 6.82
CA TYR D 516 -1.25 -38.96 7.34
C TYR D 516 -2.49 -39.09 6.45
N ARG D 517 -2.81 -38.07 5.66
CA ARG D 517 -4.01 -38.09 4.84
C ARG D 517 -3.71 -37.94 3.35
N GLY D 518 -2.45 -38.07 2.94
CA GLY D 518 -2.10 -37.95 1.54
C GLY D 518 -1.44 -39.18 0.98
N ILE D 519 -0.82 -39.98 1.86
CA ILE D 519 -0.29 -41.28 1.43
C ILE D 519 -1.37 -42.18 0.86
N PRO D 520 -2.56 -42.29 1.46
CA PRO D 520 -3.62 -43.08 0.83
C PRO D 520 -3.93 -42.66 -0.61
N ASN D 521 -3.93 -41.37 -0.91
CA ASN D 521 -4.26 -40.96 -2.28
C ASN D 521 -3.17 -41.38 -3.26
N ILE D 522 -1.90 -41.29 -2.86
CA ILE D 522 -0.84 -41.75 -3.73
C ILE D 522 -0.94 -43.26 -3.96
N ARG D 523 -1.20 -44.01 -2.90
CA ARG D 523 -1.31 -45.46 -3.04
C ARG D 523 -2.49 -45.84 -3.94
N GLN D 524 -3.65 -45.20 -3.73
CA GLN D 524 -4.82 -45.48 -4.54
C GLN D 524 -4.58 -45.11 -6.00
N GLN D 525 -3.90 -43.99 -6.24
CA GLN D 525 -3.58 -43.60 -7.61
C GLN D 525 -2.66 -44.62 -8.26
N LEU D 526 -1.68 -45.13 -7.52
CA LEU D 526 -0.74 -46.09 -8.09
C LEU D 526 -1.31 -47.51 -8.19
N ASN D 527 -2.46 -47.78 -7.56
CA ASN D 527 -3.05 -49.11 -7.57
C ASN D 527 -4.30 -49.19 -8.46
N VAL D 528 -4.29 -48.51 -9.59
CA VAL D 528 -5.38 -48.57 -10.56
C VAL D 528 -4.80 -48.92 -11.92
N LYS D 529 -5.47 -49.83 -12.62
CA LYS D 529 -5.03 -50.28 -13.94
C LYS D 529 -6.21 -50.21 -14.91
N GLY D 530 -5.90 -49.90 -16.17
CA GLY D 530 -6.94 -49.68 -17.15
C GLY D 530 -7.49 -50.96 -17.74
N GLU D 531 -8.62 -50.80 -18.45
CA GLU D 531 -9.27 -51.92 -19.12
C GLU D 531 -8.41 -52.41 -20.28
N TYR D 532 -8.70 -53.63 -20.72
CA TYR D 532 -7.91 -54.30 -21.76
C TYR D 532 -8.62 -54.16 -23.11
N SER D 533 -8.53 -52.99 -23.71
CA SER D 533 -8.85 -52.73 -25.11
C SER D 533 -10.25 -53.24 -25.48
N ASN D 534 -10.48 -53.42 -26.78
CA ASN D 534 -11.73 -53.93 -27.35
C ASN D 534 -11.46 -54.23 -28.82
N PRO D 535 -11.85 -55.40 -29.33
CA PRO D 535 -11.48 -55.78 -30.70
C PRO D 535 -12.39 -55.24 -31.79
N ASP D 536 -13.47 -54.53 -31.45
CA ASP D 536 -14.40 -54.07 -32.47
C ASP D 536 -13.75 -53.07 -33.42
N GLN D 537 -13.07 -52.07 -32.86
CA GLN D 537 -12.55 -50.99 -33.68
C GLN D 537 -11.40 -51.46 -34.57
N GLU D 538 -10.61 -52.42 -34.09
CA GLU D 538 -9.58 -53.01 -34.94
C GLU D 538 -10.18 -53.74 -36.14
N MET D 539 -11.28 -54.49 -35.91
CA MET D 539 -11.95 -55.16 -37.01
C MET D 539 -12.53 -54.17 -38.01
N LEU D 540 -13.15 -53.09 -37.51
CA LEU D 540 -13.66 -52.06 -38.40
C LEU D 540 -12.53 -51.45 -39.22
N PHE D 541 -11.39 -51.17 -38.59
CA PHE D 541 -10.32 -50.52 -39.32
C PHE D 541 -9.67 -51.46 -40.32
N ASP D 542 -9.65 -52.77 -40.03
CA ASP D 542 -9.18 -53.72 -41.04
C ASP D 542 -10.13 -53.78 -42.24
N TRP D 543 -11.43 -53.79 -41.97
CA TRP D 543 -12.40 -53.74 -43.07
C TRP D 543 -12.19 -52.48 -43.91
N ILE D 544 -11.92 -51.35 -43.26
CA ILE D 544 -11.71 -50.12 -44.01
C ILE D 544 -10.41 -50.18 -44.81
N GLN D 545 -9.36 -50.79 -44.23
CA GLN D 545 -8.12 -50.99 -44.97
C GLN D 545 -8.37 -51.73 -46.28
N HIS D 546 -9.13 -52.83 -46.21
CA HIS D 546 -9.16 -53.75 -47.33
C HIS D 546 -10.30 -53.52 -48.32
N ASN D 547 -11.45 -53.00 -47.87
CA ASN D 547 -12.64 -52.95 -48.70
C ASN D 547 -12.98 -51.55 -49.19
N THR D 548 -12.08 -50.58 -49.03
CA THR D 548 -12.28 -49.24 -49.54
C THR D 548 -11.02 -48.78 -50.26
N LYS D 549 -11.19 -47.85 -51.20
CA LYS D 549 -10.08 -47.26 -51.91
C LYS D 549 -9.39 -46.20 -51.03
N GLN D 550 -8.15 -45.88 -51.40
CA GLN D 550 -7.33 -45.02 -50.55
C GLN D 550 -7.83 -43.57 -50.50
N ASP D 551 -8.59 -43.12 -51.49
CA ASP D 551 -9.06 -41.74 -51.53
C ASP D 551 -10.55 -41.63 -51.21
N ALA D 552 -11.12 -42.59 -50.50
CA ALA D 552 -12.50 -42.49 -50.08
C ALA D 552 -12.65 -41.44 -48.99
N VAL D 553 -13.79 -40.76 -48.99
CA VAL D 553 -14.08 -39.68 -48.05
C VAL D 553 -15.05 -40.21 -47.00
N PHE D 554 -14.71 -39.99 -45.73
CA PHE D 554 -15.46 -40.57 -44.62
C PHE D 554 -16.12 -39.48 -43.79
N ALA D 555 -17.28 -39.80 -43.24
CA ALA D 555 -18.00 -38.95 -42.31
C ALA D 555 -18.49 -39.80 -41.14
N GLY D 556 -18.75 -39.15 -40.02
CA GLY D 556 -19.30 -39.85 -38.88
C GLY D 556 -19.19 -39.03 -37.62
N THR D 557 -19.42 -39.69 -36.49
CA THR D 557 -19.29 -39.05 -35.19
C THR D 557 -17.85 -38.63 -34.96
N MET D 558 -17.69 -37.54 -34.20
CA MET D 558 -16.37 -36.90 -34.07
C MET D 558 -15.30 -37.80 -33.46
N PRO D 559 -15.55 -38.55 -32.38
CA PRO D 559 -14.47 -39.39 -31.83
C PRO D 559 -13.94 -40.43 -32.80
N VAL D 560 -14.80 -40.99 -33.65
CA VAL D 560 -14.36 -42.03 -34.59
C VAL D 560 -13.52 -41.45 -35.71
N MET D 561 -13.82 -40.23 -36.16
CA MET D 561 -13.17 -39.69 -37.34
C MET D 561 -11.68 -39.46 -37.12
N ALA D 562 -11.30 -39.00 -35.92
CA ALA D 562 -9.87 -38.78 -35.65
C ALA D 562 -9.10 -40.09 -35.73
N ASN D 563 -9.68 -41.18 -35.22
CA ASN D 563 -9.04 -42.49 -35.35
C ASN D 563 -9.02 -42.97 -36.79
N VAL D 564 -10.10 -42.72 -37.55
CA VAL D 564 -10.14 -43.12 -38.96
C VAL D 564 -9.10 -42.35 -39.77
N LYS D 565 -8.73 -41.15 -39.33
CA LYS D 565 -7.67 -40.42 -40.03
C LYS D 565 -6.28 -40.84 -39.56
N LEU D 566 -6.11 -41.09 -38.26
CA LEU D 566 -4.79 -41.37 -37.71
C LEU D 566 -4.20 -42.63 -38.32
N THR D 567 -4.85 -43.77 -38.08
CA THR D 567 -4.64 -44.94 -38.92
C THR D 567 -5.62 -44.87 -40.09
N THR D 568 -5.37 -45.70 -41.10
CA THR D 568 -6.20 -45.83 -42.30
C THR D 568 -6.04 -44.64 -43.25
N LEU D 569 -5.42 -43.57 -42.80
CA LEU D 569 -5.05 -42.41 -43.61
C LEU D 569 -6.08 -42.01 -44.67
N ARG D 570 -7.39 -42.05 -44.33
CA ARG D 570 -8.37 -41.66 -45.33
C ARG D 570 -8.80 -40.21 -45.14
N PRO D 571 -9.14 -39.51 -46.22
CA PRO D 571 -9.72 -38.17 -46.07
C PRO D 571 -11.05 -38.21 -45.34
N ILE D 572 -11.27 -37.22 -44.47
CA ILE D 572 -12.48 -37.09 -43.68
C ILE D 572 -13.04 -35.69 -43.89
N VAL D 573 -14.24 -35.47 -43.38
CA VAL D 573 -14.90 -34.17 -43.50
C VAL D 573 -15.04 -33.47 -42.15
N ASN D 574 -15.42 -34.19 -41.10
CA ASN D 574 -15.55 -33.60 -39.78
C ASN D 574 -14.56 -34.24 -38.83
N HIS D 575 -14.11 -33.46 -37.85
CA HIS D 575 -13.11 -33.89 -36.89
C HIS D 575 -13.47 -33.34 -35.52
N PRO D 576 -12.88 -33.91 -34.42
CA PRO D 576 -13.24 -33.45 -33.09
C PRO D 576 -12.90 -32.00 -32.70
N HIS D 577 -11.81 -31.39 -33.21
CA HIS D 577 -11.42 -29.98 -32.92
C HIS D 577 -12.49 -29.02 -33.38
N TYR D 578 -13.68 -29.19 -32.87
CA TYR D 578 -14.74 -28.31 -33.39
C TYR D 578 -14.73 -27.22 -32.33
N GLU D 579 -14.27 -26.04 -32.76
CA GLU D 579 -14.07 -24.88 -31.90
C GLU D 579 -14.13 -23.78 -32.92
N HIS D 580 -13.18 -23.79 -33.87
CA HIS D 580 -13.05 -22.71 -34.83
C HIS D 580 -14.25 -22.60 -35.74
N VAL D 581 -14.14 -21.73 -36.76
CA VAL D 581 -15.23 -21.46 -37.70
C VAL D 581 -14.77 -21.99 -39.05
N GLY D 582 -15.64 -22.78 -39.68
CA GLY D 582 -15.29 -23.54 -40.88
C GLY D 582 -15.49 -25.02 -40.70
N ILE D 583 -15.67 -25.48 -39.46
CA ILE D 583 -16.04 -26.86 -39.17
C ILE D 583 -17.33 -26.94 -38.36
N ARG D 584 -17.84 -25.82 -37.86
CA ARG D 584 -18.98 -25.86 -36.95
C ARG D 584 -20.26 -26.29 -37.66
N GLU D 585 -20.52 -25.73 -38.85
CA GLU D 585 -21.74 -26.07 -39.57
C GLU D 585 -21.63 -27.46 -40.20
N ARG D 586 -20.40 -27.90 -40.47
CA ARG D 586 -20.21 -29.22 -41.04
C ARG D 586 -20.69 -30.30 -40.08
N THR D 587 -20.41 -30.15 -38.79
CA THR D 587 -20.89 -31.13 -37.81
C THR D 587 -22.40 -31.09 -37.70
N LEU D 588 -23.00 -29.91 -37.76
CA LEU D 588 -24.46 -29.81 -37.69
C LEU D 588 -25.12 -30.44 -38.90
N LYS D 589 -24.45 -30.42 -40.06
CA LYS D 589 -24.95 -31.16 -41.21
C LYS D 589 -24.72 -32.66 -41.07
N VAL D 590 -23.58 -33.07 -40.51
CA VAL D 590 -23.25 -34.49 -40.40
C VAL D 590 -24.18 -35.19 -39.43
N TYR D 591 -24.38 -34.61 -38.26
CA TYR D 591 -25.22 -35.20 -37.22
C TYR D 591 -26.70 -35.04 -37.51
N SER D 592 -27.06 -34.64 -38.72
CA SER D 592 -28.46 -34.59 -39.13
C SER D 592 -28.98 -35.94 -39.53
N MET D 593 -28.12 -36.96 -39.58
CA MET D 593 -28.57 -38.33 -39.78
C MET D 593 -29.10 -38.96 -38.50
N PHE D 594 -28.98 -38.28 -37.36
CA PHE D 594 -29.63 -38.68 -36.13
C PHE D 594 -30.91 -37.91 -35.86
N SER D 595 -31.29 -37.01 -36.77
CA SER D 595 -32.45 -36.16 -36.58
C SER D 595 -33.69 -36.84 -37.15
N LYS D 596 -34.78 -36.08 -37.28
CA LYS D 596 -36.00 -36.57 -37.89
C LYS D 596 -36.16 -36.09 -39.33
N LYS D 597 -35.05 -35.77 -39.98
CA LYS D 597 -35.08 -35.33 -41.37
C LYS D 597 -35.46 -36.48 -42.29
N PRO D 598 -36.00 -36.18 -43.47
CA PRO D 598 -36.30 -37.26 -44.43
C PRO D 598 -35.04 -37.89 -44.98
N ILE D 599 -35.17 -39.14 -45.43
CA ILE D 599 -34.04 -39.86 -46.00
C ILE D 599 -33.47 -39.12 -47.20
N ALA D 600 -34.34 -38.59 -48.05
CA ALA D 600 -33.88 -37.90 -49.25
C ALA D 600 -33.05 -36.67 -48.89
N GLU D 601 -33.48 -35.91 -47.89
CA GLU D 601 -32.75 -34.69 -47.53
C GLU D 601 -31.37 -35.01 -46.98
N VAL D 602 -31.26 -35.99 -46.08
CA VAL D 602 -29.96 -36.32 -45.52
C VAL D 602 -29.06 -36.93 -46.60
N HIS D 603 -29.64 -37.74 -47.49
CA HIS D 603 -28.85 -38.30 -48.59
C HIS D 603 -28.31 -37.19 -49.49
N LYS D 604 -29.14 -36.19 -49.80
CA LYS D 604 -28.68 -35.08 -50.62
C LYS D 604 -27.60 -34.27 -49.91
N ILE D 605 -27.74 -34.08 -48.60
CA ILE D 605 -26.72 -33.36 -47.83
C ILE D 605 -25.39 -34.11 -47.89
N MET D 606 -25.43 -35.43 -47.66
CA MET D 606 -24.23 -36.24 -47.72
C MET D 606 -23.61 -36.19 -49.11
N LYS D 607 -24.43 -36.28 -50.15
CA LYS D 607 -23.91 -36.23 -51.51
C LYS D 607 -23.26 -34.88 -51.81
N GLU D 608 -23.88 -33.79 -51.34
CA GLU D 608 -23.31 -32.47 -51.57
C GLU D 608 -21.96 -32.31 -50.86
N MET D 609 -21.87 -32.77 -49.61
CA MET D 609 -20.57 -32.72 -48.95
C MET D 609 -19.58 -33.68 -49.61
N GLY D 610 -20.07 -34.75 -50.22
CA GLY D 610 -19.22 -35.64 -50.99
C GLY D 610 -18.56 -36.73 -50.17
N VAL D 611 -19.32 -37.36 -49.28
CA VAL D 611 -18.79 -38.45 -48.47
C VAL D 611 -19.25 -39.76 -49.09
N ASN D 612 -18.41 -40.79 -48.94
CA ASN D 612 -18.72 -42.11 -49.44
C ASN D 612 -19.28 -43.03 -48.37
N TYR D 613 -18.78 -42.92 -47.15
CA TYR D 613 -19.22 -43.78 -46.05
C TYR D 613 -19.52 -42.94 -44.83
N PHE D 614 -20.48 -43.41 -44.04
CA PHE D 614 -20.86 -42.81 -42.77
C PHE D 614 -20.73 -43.88 -41.70
N VAL D 615 -19.91 -43.61 -40.68
CA VAL D 615 -19.55 -44.57 -39.65
C VAL D 615 -20.15 -44.10 -38.33
N PHE D 616 -20.87 -44.98 -37.65
CA PHE D 616 -21.44 -44.61 -36.36
C PHE D 616 -21.68 -45.86 -35.53
N GLN D 617 -22.29 -45.67 -34.36
CA GLN D 617 -22.59 -46.73 -33.42
C GLN D 617 -24.07 -46.76 -33.11
N LEU D 618 -24.56 -47.93 -32.71
CA LEU D 618 -25.93 -48.02 -32.21
C LEU D 618 -26.09 -47.49 -30.79
N MET D 619 -24.99 -47.28 -30.06
CA MET D 619 -25.10 -46.56 -28.79
C MET D 619 -25.23 -45.06 -28.99
N ASN D 620 -25.14 -44.60 -30.24
CA ASN D 620 -25.43 -43.23 -30.61
C ASN D 620 -26.89 -43.01 -31.02
N CYS D 621 -27.72 -44.05 -30.97
CA CYS D 621 -29.13 -43.93 -31.32
C CYS D 621 -30.04 -44.47 -30.22
N SER D 622 -29.62 -44.36 -28.96
CA SER D 622 -30.46 -44.80 -27.86
C SER D 622 -31.49 -43.73 -27.51
N ASN D 623 -32.51 -44.14 -26.75
CA ASN D 623 -33.60 -43.23 -26.37
C ASN D 623 -33.07 -42.00 -25.63
N ARG D 626 -34.73 -40.73 -19.83
CA ARG D 626 -34.22 -40.53 -18.45
C ARG D 626 -33.64 -39.12 -18.27
N ARG D 627 -32.60 -38.79 -19.03
CA ARG D 627 -32.01 -37.43 -19.02
C ARG D 627 -32.08 -36.96 -20.46
N PRO D 628 -33.26 -36.56 -20.95
CA PRO D 628 -33.32 -36.00 -22.27
C PRO D 628 -32.31 -34.86 -22.42
N GLU D 629 -32.22 -34.17 -23.54
CA GLU D 629 -31.37 -33.05 -23.92
C GLU D 629 -29.87 -33.35 -23.95
N CYS D 630 -29.48 -34.62 -23.92
CA CYS D 630 -28.12 -34.98 -24.30
C CYS D 630 -28.03 -36.19 -25.20
N VAL D 631 -29.14 -36.78 -25.56
CA VAL D 631 -29.19 -37.75 -26.65
C VAL D 631 -29.59 -36.99 -27.91
N TYR D 632 -29.06 -37.43 -29.06
CA TYR D 632 -29.29 -36.69 -30.29
C TYR D 632 -30.75 -36.66 -30.66
N ARG D 633 -31.52 -37.67 -30.24
CA ARG D 633 -32.94 -37.70 -30.52
C ARG D 633 -33.72 -36.64 -29.78
N GLY D 634 -33.11 -36.00 -28.78
CA GLY D 634 -33.75 -34.92 -28.05
C GLY D 634 -33.10 -33.58 -28.30
N MET D 635 -31.84 -33.60 -28.73
CA MET D 635 -31.16 -32.37 -29.13
C MET D 635 -31.64 -31.86 -30.48
N TRP D 636 -32.39 -32.67 -31.23
CA TRP D 636 -32.91 -32.29 -32.53
C TRP D 636 -34.38 -31.89 -32.48
N ASP D 637 -34.92 -31.68 -31.28
CA ASP D 637 -36.24 -31.11 -31.14
C ASP D 637 -36.20 -29.69 -30.59
N GLU D 638 -35.07 -29.24 -30.06
CA GLU D 638 -34.96 -27.85 -29.64
C GLU D 638 -34.81 -26.93 -30.83
N GLU D 639 -34.01 -27.32 -31.83
CA GLU D 639 -33.75 -26.49 -32.99
C GLU D 639 -34.32 -27.08 -34.28
N ASP D 640 -35.29 -27.97 -34.16
CA ASP D 640 -35.99 -28.45 -35.34
C ASP D 640 -37.41 -28.83 -34.96
N PRO D 641 -38.19 -27.90 -34.38
CA PRO D 641 -39.51 -28.29 -33.88
C PRO D 641 -40.53 -28.57 -34.96
N LYS D 642 -40.28 -28.13 -36.20
CA LYS D 642 -41.20 -28.46 -37.29
C LYS D 642 -41.10 -29.93 -37.66
N ASN D 643 -39.96 -30.56 -37.39
CA ASN D 643 -39.71 -31.93 -37.82
C ASN D 643 -39.97 -32.96 -36.73
N SER D 644 -40.48 -32.53 -35.58
CA SER D 644 -40.90 -33.46 -34.55
C SER D 644 -42.19 -34.16 -34.96
N GLY D 645 -42.39 -35.37 -34.43
CA GLY D 645 -43.54 -36.16 -34.74
C GLY D 645 -43.36 -37.12 -35.90
N ARG D 646 -42.36 -36.88 -36.74
CA ARG D 646 -42.02 -37.80 -37.82
C ARG D 646 -40.99 -38.80 -37.32
N THR D 647 -40.99 -39.99 -37.92
CA THR D 647 -40.15 -41.08 -37.42
C THR D 647 -38.68 -40.70 -37.48
N ALA D 648 -37.97 -40.95 -36.39
CA ALA D 648 -36.57 -40.56 -36.29
C ALA D 648 -35.73 -41.45 -37.19
N LEU D 649 -34.62 -40.88 -37.69
CA LEU D 649 -33.73 -41.65 -38.54
C LEU D 649 -33.10 -42.81 -37.79
N CYS D 650 -32.71 -42.59 -36.53
CA CYS D 650 -32.17 -43.69 -35.75
C CYS D 650 -33.18 -44.80 -35.58
N ASP D 651 -34.47 -44.46 -35.50
CA ASP D 651 -35.51 -45.47 -35.46
C ASP D 651 -35.56 -46.28 -36.75
N LEU D 652 -34.92 -45.80 -37.82
CA LEU D 652 -34.79 -46.55 -39.05
C LEU D 652 -33.46 -47.29 -39.14
N TRP D 653 -32.37 -46.70 -38.65
CA TRP D 653 -31.09 -47.40 -38.66
C TRP D 653 -31.12 -48.63 -37.76
N ILE D 654 -31.70 -48.50 -36.57
CA ILE D 654 -31.63 -49.58 -35.58
C ILE D 654 -32.59 -50.69 -35.96
N LEU D 655 -33.39 -50.47 -37.00
CA LEU D 655 -34.18 -51.54 -37.57
C LEU D 655 -33.61 -52.07 -38.88
N ALA D 656 -32.91 -51.22 -39.64
CA ALA D 656 -32.26 -51.70 -40.86
C ALA D 656 -31.06 -52.58 -40.54
N ALA D 657 -30.41 -52.34 -39.41
CA ALA D 657 -29.33 -53.22 -39.00
C ALA D 657 -29.86 -54.55 -38.47
N ASN D 658 -30.95 -54.51 -37.71
CA ASN D 658 -31.51 -55.72 -37.12
C ASN D 658 -32.15 -56.60 -38.17
N SER D 659 -32.97 -56.03 -39.05
CA SER D 659 -33.67 -56.83 -40.05
C SER D 659 -32.76 -57.33 -41.15
N LYS D 660 -31.51 -56.86 -41.21
CA LYS D 660 -30.46 -57.29 -42.13
C LYS D 660 -30.74 -56.91 -43.57
N ASP D 661 -31.83 -56.23 -43.87
CA ASP D 661 -32.15 -55.77 -45.22
C ASP D 661 -32.27 -54.26 -45.25
N ASN D 662 -31.71 -53.64 -46.28
CA ASN D 662 -31.77 -52.18 -46.44
C ASN D 662 -32.93 -51.77 -47.34
N SER D 663 -34.14 -52.21 -46.97
CA SER D 663 -35.32 -51.94 -47.79
C SER D 663 -35.84 -50.53 -47.56
N ARG D 664 -36.20 -50.22 -46.31
CA ARG D 664 -36.85 -48.95 -46.00
C ARG D 664 -35.92 -47.76 -46.24
N ILE D 665 -34.61 -47.94 -46.08
CA ILE D 665 -33.64 -46.92 -46.43
C ILE D 665 -33.22 -47.20 -47.88
N ALA D 666 -34.00 -46.65 -48.82
CA ALA D 666 -33.81 -47.01 -50.22
C ALA D 666 -32.45 -46.59 -50.77
N PRO D 667 -31.99 -45.35 -50.64
CA PRO D 667 -30.67 -45.01 -51.19
C PRO D 667 -29.52 -45.32 -50.25
N PHE D 668 -29.78 -45.73 -49.02
CA PHE D 668 -28.75 -46.09 -48.06
C PHE D 668 -28.56 -47.60 -48.03
N LYS D 669 -27.30 -48.02 -47.97
CA LYS D 669 -26.96 -49.44 -47.83
C LYS D 669 -26.07 -49.61 -46.61
N ILE D 670 -26.40 -50.58 -45.76
CA ILE D 670 -25.57 -50.89 -44.59
C ILE D 670 -24.46 -51.82 -45.08
N VAL D 671 -23.32 -51.24 -45.46
CA VAL D 671 -22.24 -52.02 -46.04
C VAL D 671 -21.39 -52.72 -45.00
N TYR D 672 -21.31 -52.21 -43.77
CA TYR D 672 -20.59 -52.90 -42.70
C TYR D 672 -21.44 -52.98 -41.46
N ASN D 673 -21.57 -54.20 -40.93
CA ASN D 673 -22.30 -54.46 -39.70
C ASN D 673 -21.73 -55.73 -39.07
N ALA D 674 -21.28 -55.64 -37.83
CA ALA D 674 -20.76 -56.79 -37.10
C ALA D 674 -21.02 -56.57 -35.61
N ASN D 675 -21.54 -57.60 -34.94
CA ASN D 675 -21.96 -57.58 -33.54
C ASN D 675 -22.65 -56.28 -33.14
N ARG D 676 -23.37 -55.67 -34.08
CA ARG D 676 -24.29 -54.56 -33.82
C ARG D 676 -23.68 -53.46 -32.96
N ASN D 677 -22.41 -53.15 -33.19
CA ASN D 677 -21.79 -52.01 -32.53
C ASN D 677 -21.42 -50.91 -33.50
N TYR D 678 -20.57 -51.19 -34.48
CA TYR D 678 -20.25 -50.24 -35.53
C TYR D 678 -21.05 -50.52 -36.77
N ILE D 679 -21.63 -49.48 -37.34
CA ILE D 679 -22.36 -49.55 -38.59
C ILE D 679 -21.73 -48.58 -39.56
N VAL D 680 -21.41 -49.07 -40.74
CA VAL D 680 -20.93 -48.24 -41.84
C VAL D 680 -21.97 -48.30 -42.94
N LEU D 681 -22.63 -47.16 -43.20
CA LEU D 681 -23.49 -46.98 -44.35
C LEU D 681 -22.66 -46.43 -45.51
N LYS D 682 -23.07 -46.77 -46.72
CA LYS D 682 -22.41 -46.27 -47.92
C LYS D 682 -23.36 -45.36 -48.67
N ILE D 683 -22.86 -44.20 -49.08
CA ILE D 683 -23.67 -43.23 -49.80
C ILE D 683 -23.74 -43.64 -51.27
N LEU D 684 -24.96 -43.78 -51.79
CA LEU D 684 -25.16 -44.25 -53.15
C LEU D 684 -24.67 -43.23 -54.17
#